data_5KOB
#
_entry.id   5KOB
#
_cell.length_a   63.550
_cell.length_b   92.000
_cell.length_c   142.110
_cell.angle_alpha   90.000
_cell.angle_beta   90.000
_cell.angle_gamma   90.000
#
_symmetry.space_group_name_H-M   'P 21 21 21'
#
loop_
_entity.id
_entity.type
_entity.pdbx_description
1 polymer 'Peptide deformylase'
2 non-polymer 'FE (II) ION'
3 non-polymer 'FORMIC ACID'
4 non-polymer 1,2-ETHANEDIOL
5 water water
#
_entity_poly.entity_id   1
_entity_poly.type   'polypeptide(L)'
_entity_poly.pdbx_seq_one_letter_code
;MAHHHHHHMIREILKMGDPRLLRIADPVDHFDTPELHELVKDMFETMHDANGAGLAAPQIGVNLQVVIFGFGHNERYPDA
PPVPETVLINPTITPVSQDMEEGWEGCLSVPGLRGAVSRFSMIKYHGFDQYGKPIDRVAEGFHARVVQHECDHLIGKLYP
MRINDFAKFGFTEVLFPDMDPNSDD
;
_entity_poly.pdbx_strand_id   A,B,C,D
#
# COMPACT_ATOMS: atom_id res chain seq x y z
N HIS A 7 -24.97 36.80 -19.18
CA HIS A 7 -23.68 37.47 -19.26
C HIS A 7 -23.33 38.18 -17.95
N HIS A 8 -24.36 38.49 -17.16
CA HIS A 8 -24.18 39.10 -15.85
C HIS A 8 -24.02 38.06 -14.74
N MET A 9 -24.22 36.79 -15.05
CA MET A 9 -24.06 35.73 -14.07
C MET A 9 -22.57 35.40 -13.89
N ILE A 10 -22.25 34.83 -12.72
CA ILE A 10 -20.88 34.44 -12.41
C ILE A 10 -20.40 33.43 -13.46
N ARG A 11 -19.14 33.59 -13.89
CA ARG A 11 -18.59 32.73 -14.92
C ARG A 11 -18.36 31.32 -14.38
N GLU A 12 -18.71 30.31 -15.18
CA GLU A 12 -18.57 28.92 -14.77
C GLU A 12 -17.13 28.45 -14.83
N ILE A 13 -16.76 27.60 -13.88
CA ILE A 13 -15.43 26.99 -13.83
C ILE A 13 -15.46 25.71 -14.66
N LEU A 14 -14.52 25.61 -15.61
CA LEU A 14 -14.43 24.43 -16.44
C LEU A 14 -13.85 23.26 -15.65
N LYS A 15 -14.35 22.06 -15.93
CA LYS A 15 -13.96 20.89 -15.18
C LYS A 15 -13.00 20.03 -15.99
N MET A 16 -12.16 19.27 -15.27
CA MET A 16 -11.17 18.40 -15.90
C MET A 16 -11.82 17.50 -16.95
N GLY A 17 -11.17 17.41 -18.11
CA GLY A 17 -11.73 16.82 -19.31
C GLY A 17 -11.98 17.84 -20.41
N ASP A 18 -12.12 19.10 -20.05
CA ASP A 18 -12.36 20.13 -21.06
C ASP A 18 -11.05 20.46 -21.76
N PRO A 19 -11.03 20.51 -23.10
CA PRO A 19 -9.75 20.76 -23.79
C PRO A 19 -9.16 22.12 -23.47
N ARG A 20 -9.96 23.07 -23.00
CA ARG A 20 -9.43 24.41 -22.71
C ARG A 20 -8.53 24.43 -21.47
N LEU A 21 -8.51 23.35 -20.67
CA LEU A 21 -7.61 23.27 -19.54
C LEU A 21 -6.27 22.67 -19.90
N LEU A 22 -6.04 22.36 -21.19
CA LEU A 22 -4.86 21.63 -21.63
C LEU A 22 -4.01 22.40 -22.63
N ARG A 23 -4.06 23.74 -22.60
CA ARG A 23 -3.43 24.56 -23.63
C ARG A 23 -2.40 25.50 -23.03
N ILE A 24 -1.62 26.15 -23.91
CA ILE A 24 -0.64 27.16 -23.51
CA ILE A 24 -0.65 27.15 -23.50
C ILE A 24 -1.30 28.52 -23.58
N ALA A 25 -1.33 29.24 -22.47
CA ALA A 25 -1.98 30.55 -22.47
C ALA A 25 -1.09 31.61 -23.12
N ASP A 26 -1.72 32.56 -23.79
CA ASP A 26 -1.04 33.67 -24.45
C ASP A 26 -0.85 34.85 -23.49
N PRO A 27 0.19 35.64 -23.71
CA PRO A 27 0.43 36.78 -22.82
C PRO A 27 -0.59 37.89 -23.00
N VAL A 28 -0.76 38.68 -21.93
CA VAL A 28 -1.50 39.93 -21.97
C VAL A 28 -0.57 41.00 -22.53
N ASP A 29 -1.00 41.67 -23.60
CA ASP A 29 -0.16 42.66 -24.26
C ASP A 29 -0.50 44.09 -23.86
N HIS A 30 -1.72 44.33 -23.36
CA HIS A 30 -2.16 45.68 -23.03
C HIS A 30 -2.79 45.70 -21.66
N PHE A 31 -2.25 46.56 -20.80
CA PHE A 31 -2.72 46.66 -19.43
C PHE A 31 -3.69 47.82 -19.27
N ASP A 32 -4.41 47.80 -18.15
CA ASP A 32 -5.33 48.87 -17.77
C ASP A 32 -6.39 49.11 -18.84
N THR A 33 -6.93 48.02 -19.39
CA THR A 33 -8.01 48.09 -20.36
C THR A 33 -9.32 47.69 -19.71
N PRO A 34 -10.46 48.14 -20.24
CA PRO A 34 -11.73 47.69 -19.66
CA PRO A 34 -11.74 47.69 -19.66
C PRO A 34 -11.92 46.19 -19.74
N GLU A 35 -11.39 45.54 -20.79
CA GLU A 35 -11.52 44.09 -20.92
CA GLU A 35 -11.52 44.09 -20.91
C GLU A 35 -10.73 43.37 -19.83
N LEU A 36 -9.54 43.87 -19.52
CA LEU A 36 -8.71 43.20 -18.52
C LEU A 36 -9.27 43.42 -17.12
N HIS A 37 -9.74 44.64 -16.82
CA HIS A 37 -10.39 44.87 -15.53
C HIS A 37 -11.60 43.97 -15.37
N GLU A 38 -12.37 43.77 -16.44
CA GLU A 38 -13.54 42.90 -16.35
C GLU A 38 -13.14 41.45 -16.13
N LEU A 39 -12.07 41.00 -16.80
CA LEU A 39 -11.58 39.63 -16.58
C LEU A 39 -11.21 39.42 -15.12
N VAL A 40 -10.44 40.35 -14.55
CA VAL A 40 -10.01 40.24 -13.16
C VAL A 40 -11.22 40.23 -12.24
N LYS A 41 -12.19 41.11 -12.49
CA LYS A 41 -13.42 41.15 -11.70
C LYS A 41 -14.15 39.81 -11.79
N ASP A 42 -14.29 39.26 -13.01
CA ASP A 42 -14.97 37.98 -13.21
C ASP A 42 -14.25 36.86 -12.45
N MET A 43 -12.92 36.86 -12.49
CA MET A 43 -12.17 35.80 -11.83
C MET A 43 -12.31 35.89 -10.32
N PHE A 44 -12.24 37.09 -9.75
CA PHE A 44 -12.40 37.21 -8.30
C PHE A 44 -13.79 36.76 -7.88
N GLU A 45 -14.82 37.19 -8.63
CA GLU A 45 -16.19 36.78 -8.32
CA GLU A 45 -16.18 36.78 -8.28
C GLU A 45 -16.33 35.26 -8.34
N THR A 46 -15.77 34.63 -9.38
CA THR A 46 -15.84 33.18 -9.51
C THR A 46 -15.04 32.47 -8.42
N MET A 47 -13.83 32.95 -8.15
CA MET A 47 -13.00 32.31 -7.11
C MET A 47 -13.63 32.44 -5.73
N HIS A 48 -14.10 33.66 -5.39
CA HIS A 48 -14.65 33.87 -4.05
C HIS A 48 -15.93 33.07 -3.85
N ASP A 49 -16.77 32.99 -4.89
CA ASP A 49 -18.01 32.24 -4.79
C ASP A 49 -17.75 30.76 -4.49
N ALA A 50 -16.66 30.21 -5.00
CA ALA A 50 -16.32 28.80 -4.82
C ALA A 50 -15.32 28.55 -3.69
N ASN A 51 -15.01 29.58 -2.90
CA ASN A 51 -14.04 29.49 -1.81
C ASN A 51 -12.69 28.98 -2.28
N GLY A 52 -12.27 29.42 -3.46
CA GLY A 52 -10.99 29.00 -3.98
C GLY A 52 -9.83 29.74 -3.33
N ALA A 53 -8.67 29.07 -3.35
CA ALA A 53 -7.40 29.67 -2.96
C ALA A 53 -6.71 30.37 -4.11
N GLY A 54 -7.02 29.98 -5.34
CA GLY A 54 -6.48 30.65 -6.51
C GLY A 54 -7.35 30.31 -7.70
N LEU A 55 -7.10 31.01 -8.80
CA LEU A 55 -7.83 30.73 -10.04
C LEU A 55 -6.99 31.24 -11.19
N ALA A 56 -7.04 30.51 -12.31
CA ALA A 56 -6.32 30.90 -13.53
C ALA A 56 -7.33 31.13 -14.64
N ALA A 57 -7.02 32.11 -15.51
CA ALA A 57 -7.99 32.47 -16.55
C ALA A 57 -8.44 31.28 -17.41
N PRO A 58 -7.59 30.33 -17.80
CA PRO A 58 -8.11 29.18 -18.57
C PRO A 58 -9.22 28.43 -17.89
N GLN A 59 -9.31 28.49 -16.55
CA GLN A 59 -10.38 27.80 -15.85
C GLN A 59 -11.75 28.40 -16.09
N ILE A 60 -11.83 29.62 -16.62
CA ILE A 60 -13.10 30.17 -17.07
C ILE A 60 -13.09 30.36 -18.59
N GLY A 61 -12.24 29.61 -19.28
CA GLY A 61 -12.24 29.56 -20.74
C GLY A 61 -11.49 30.68 -21.43
N VAL A 62 -10.69 31.44 -20.69
CA VAL A 62 -9.97 32.59 -21.21
C VAL A 62 -8.49 32.22 -21.27
N ASN A 63 -7.94 32.07 -22.48
CA ASN A 63 -6.60 31.47 -22.62
C ASN A 63 -5.49 32.52 -22.54
N LEU A 64 -5.46 33.23 -21.41
CA LEU A 64 -4.55 34.35 -21.18
C LEU A 64 -3.76 34.10 -19.91
N GLN A 65 -2.55 34.69 -19.84
CA GLN A 65 -1.64 34.44 -18.71
C GLN A 65 -2.02 35.37 -17.56
N VAL A 66 -3.14 35.04 -16.92
CA VAL A 66 -3.65 35.81 -15.78
C VAL A 66 -4.02 34.81 -14.69
N VAL A 67 -3.43 34.99 -13.49
CA VAL A 67 -3.84 34.20 -12.34
C VAL A 67 -4.12 35.14 -11.17
N ILE A 68 -4.98 34.67 -10.27
CA ILE A 68 -5.25 35.36 -9.01
C ILE A 68 -5.12 34.34 -7.90
N PHE A 69 -4.81 34.82 -6.70
CA PHE A 69 -4.69 33.93 -5.55
C PHE A 69 -4.65 34.76 -4.28
N GLY A 70 -4.82 34.10 -3.15
CA GLY A 70 -4.70 34.76 -1.88
C GLY A 70 -5.99 34.71 -1.08
N PHE A 71 -5.83 34.77 0.24
CA PHE A 71 -6.93 34.62 1.20
C PHE A 71 -6.37 34.90 2.58
N GLY A 72 -7.26 35.15 3.53
CA GLY A 72 -6.86 35.19 4.92
C GLY A 72 -6.99 33.80 5.51
N HIS A 73 -8.23 33.37 5.73
CA HIS A 73 -8.55 32.00 6.12
C HIS A 73 -9.39 31.39 5.02
N ASN A 74 -9.05 30.16 4.61
CA ASN A 74 -9.72 29.49 3.50
C ASN A 74 -10.26 28.15 3.97
N GLU A 75 -11.53 27.90 3.65
CA GLU A 75 -12.24 26.78 4.24
C GLU A 75 -11.77 25.44 3.67
N ARG A 76 -11.50 25.37 2.36
CA ARG A 76 -11.06 24.07 1.88
CA ARG A 76 -11.00 24.17 1.68
C ARG A 76 -9.59 23.81 2.09
N TYR A 77 -8.84 24.76 2.66
CA TYR A 77 -7.46 24.54 3.09
C TYR A 77 -7.28 25.16 4.48
N PRO A 78 -7.96 24.60 5.48
CA PRO A 78 -8.06 25.30 6.77
C PRO A 78 -6.75 25.42 7.53
N ASP A 79 -5.72 24.65 7.17
CA ASP A 79 -4.43 24.72 7.84
C ASP A 79 -3.44 25.64 7.14
N ALA A 80 -3.81 26.22 6.00
CA ALA A 80 -2.92 27.09 5.25
C ALA A 80 -2.86 28.47 5.90
N PRO A 81 -1.69 29.09 5.97
CA PRO A 81 -1.60 30.45 6.48
C PRO A 81 -2.12 31.44 5.46
N PRO A 82 -2.44 32.67 5.86
CA PRO A 82 -2.85 33.69 4.89
C PRO A 82 -1.83 33.84 3.77
N VAL A 83 -2.35 34.10 2.57
CA VAL A 83 -1.55 34.32 1.37
C VAL A 83 -2.02 35.65 0.82
N PRO A 84 -1.13 36.59 0.50
CA PRO A 84 -1.58 37.93 0.08
C PRO A 84 -2.38 37.86 -1.21
N GLU A 85 -3.50 38.60 -1.23
CA GLU A 85 -4.34 38.64 -2.43
C GLU A 85 -3.59 39.34 -3.54
N THR A 86 -3.53 38.67 -4.70
CA THR A 86 -2.64 39.05 -5.78
C THR A 86 -3.28 38.79 -7.13
N VAL A 87 -3.09 39.74 -8.05
CA VAL A 87 -3.32 39.56 -9.48
C VAL A 87 -1.94 39.48 -10.13
N LEU A 88 -1.66 38.36 -10.81
CA LEU A 88 -0.32 38.10 -11.35
C LEU A 88 -0.46 37.76 -12.83
N ILE A 89 0.09 38.61 -13.69
CA ILE A 89 -0.07 38.52 -15.14
C ILE A 89 1.29 38.31 -15.77
N ASN A 90 1.32 37.49 -16.83
CA ASN A 90 2.54 37.12 -17.54
C ASN A 90 3.65 36.66 -16.60
N PRO A 91 3.40 35.63 -15.80
CA PRO A 91 4.33 35.28 -14.73
C PRO A 91 5.51 34.43 -15.18
N THR A 92 6.61 34.58 -14.45
CA THR A 92 7.78 33.71 -14.50
CA THR A 92 7.70 33.62 -14.51
C THR A 92 8.08 33.23 -13.08
N ILE A 93 8.38 31.95 -12.92
CA ILE A 93 8.78 31.38 -11.64
C ILE A 93 10.22 30.92 -11.75
N THR A 94 11.03 31.26 -10.75
CA THR A 94 12.43 30.81 -10.69
C THR A 94 12.67 30.16 -9.34
N PRO A 95 12.86 28.85 -9.27
CA PRO A 95 13.16 28.22 -7.98
C PRO A 95 14.48 28.75 -7.42
N VAL A 96 14.48 29.02 -6.11
CA VAL A 96 15.71 29.54 -5.49
C VAL A 96 16.66 28.39 -5.20
N SER A 97 16.10 27.23 -4.87
CA SER A 97 16.84 25.99 -4.78
C SER A 97 15.97 24.88 -5.36
N GLN A 98 16.53 23.68 -5.42
CA GLN A 98 15.80 22.53 -5.93
C GLN A 98 15.09 21.75 -4.83
N ASP A 99 15.11 22.26 -3.59
CA ASP A 99 14.37 21.65 -2.49
C ASP A 99 12.87 21.58 -2.80
N MET A 100 12.24 20.44 -2.47
CA MET A 100 10.84 20.19 -2.75
CA MET A 100 10.83 20.28 -2.72
C MET A 100 10.14 19.72 -1.49
N GLU A 101 8.82 19.90 -1.46
CA GLU A 101 8.01 19.34 -0.39
C GLU A 101 6.69 18.82 -0.95
N GLU A 102 6.27 17.69 -0.40
CA GLU A 102 5.03 17.05 -0.79
C GLU A 102 3.90 17.64 0.04
N GLY A 103 2.79 17.94 -0.62
CA GLY A 103 1.64 18.45 0.09
C GLY A 103 0.37 18.11 -0.66
N TRP A 104 -0.76 18.21 0.06
CA TRP A 104 -2.05 17.87 -0.53
C TRP A 104 -2.62 19.05 -1.28
N GLU A 105 -3.03 18.83 -2.54
CA GLU A 105 -3.60 19.85 -3.39
C GLU A 105 -4.98 19.45 -3.88
N GLY A 106 -5.83 20.46 -4.03
CA GLY A 106 -7.08 20.35 -4.75
C GLY A 106 -7.12 21.39 -5.85
N CYS A 107 -8.26 21.43 -6.55
CA CYS A 107 -8.42 22.33 -7.69
C CYS A 107 -9.91 22.52 -7.94
N LEU A 108 -10.34 23.76 -8.20
CA LEU A 108 -11.75 23.98 -8.49
C LEU A 108 -12.18 23.32 -9.81
N SER A 109 -11.22 23.02 -10.68
CA SER A 109 -11.52 22.26 -11.89
C SER A 109 -11.51 20.75 -11.64
N VAL A 110 -11.15 20.32 -10.44
CA VAL A 110 -11.14 18.88 -10.11
C VAL A 110 -11.95 18.70 -8.83
N PRO A 111 -13.23 19.03 -8.82
CA PRO A 111 -13.97 19.08 -7.56
C PRO A 111 -14.08 17.72 -6.92
N GLY A 112 -13.92 17.72 -5.59
CA GLY A 112 -14.16 16.55 -4.77
C GLY A 112 -12.95 15.71 -4.47
N LEU A 113 -11.79 16.06 -5.00
CA LEU A 113 -10.61 15.21 -4.88
CA LEU A 113 -10.59 15.23 -4.95
C LEU A 113 -9.45 15.98 -4.27
N ARG A 114 -8.49 15.22 -3.75
CA ARG A 114 -7.21 15.76 -3.29
C ARG A 114 -6.11 14.81 -3.72
N GLY A 115 -4.91 15.35 -3.96
CA GLY A 115 -3.78 14.49 -4.27
C GLY A 115 -2.49 15.08 -3.75
N ALA A 116 -1.53 14.21 -3.42
CA ALA A 116 -0.25 14.69 -2.91
C ALA A 116 0.69 15.04 -4.05
N VAL A 117 1.20 16.29 -4.04
CA VAL A 117 2.01 16.85 -5.12
C VAL A 117 3.26 17.48 -4.52
N SER A 118 4.41 17.23 -5.14
CA SER A 118 5.65 17.89 -4.75
C SER A 118 5.79 19.23 -5.49
N ARG A 119 6.15 20.27 -4.74
CA ARG A 119 6.38 21.61 -5.28
C ARG A 119 7.70 22.14 -4.72
N PHE A 120 8.28 23.10 -5.42
CA PHE A 120 9.46 23.76 -4.87
C PHE A 120 9.11 24.49 -3.58
N SER A 121 10.00 24.35 -2.59
CA SER A 121 9.80 24.97 -1.28
C SER A 121 10.07 26.47 -1.31
N MET A 122 10.92 26.93 -2.23
CA MET A 122 11.44 28.31 -2.22
C MET A 122 11.48 28.81 -3.66
N ILE A 123 10.68 29.85 -3.97
CA ILE A 123 10.65 30.41 -5.32
C ILE A 123 10.73 31.93 -5.26
N LYS A 124 11.22 32.50 -6.33
CA LYS A 124 10.91 33.89 -6.66
C LYS A 124 9.98 33.88 -7.84
N TYR A 125 9.09 34.87 -7.88
CA TYR A 125 8.20 34.97 -9.03
C TYR A 125 8.09 36.42 -9.42
N HIS A 126 7.86 36.62 -10.71
CA HIS A 126 7.81 37.93 -11.34
C HIS A 126 6.59 37.98 -12.25
N GLY A 127 5.99 39.17 -12.32
CA GLY A 127 4.88 39.36 -13.24
C GLY A 127 4.41 40.79 -13.11
N PHE A 128 3.15 41.02 -13.45
CA PHE A 128 2.60 42.37 -13.46
C PHE A 128 1.19 42.34 -12.91
N ASP A 129 0.76 43.47 -12.32
CA ASP A 129 -0.65 43.58 -11.97
C ASP A 129 -1.44 44.05 -13.19
N GLN A 130 -2.75 44.26 -13.01
CA GLN A 130 -3.60 44.60 -14.14
C GLN A 130 -3.37 46.02 -14.63
N TYR A 131 -2.56 46.80 -13.92
CA TYR A 131 -2.16 48.12 -14.38
C TYR A 131 -0.79 48.11 -15.03
N GLY A 132 -0.16 46.94 -15.16
CA GLY A 132 1.17 46.86 -15.73
C GLY A 132 2.30 47.11 -14.76
N LYS A 133 2.00 47.26 -13.47
CA LYS A 133 3.07 47.48 -12.48
C LYS A 133 3.80 46.17 -12.21
N PRO A 134 5.13 46.17 -12.23
CA PRO A 134 5.87 44.92 -11.96
C PRO A 134 5.64 44.42 -10.54
N ILE A 135 5.64 43.10 -10.43
CA ILE A 135 5.58 42.37 -9.17
C ILE A 135 6.83 41.50 -9.10
N ASP A 136 7.56 41.60 -7.99
CA ASP A 136 8.71 40.73 -7.77
C ASP A 136 8.67 40.25 -6.33
N ARG A 137 8.50 38.93 -6.14
CA ARG A 137 8.31 38.41 -4.80
C ARG A 137 9.09 37.13 -4.58
N VAL A 138 9.36 36.84 -3.31
CA VAL A 138 9.86 35.55 -2.86
C VAL A 138 8.77 34.86 -2.06
N ALA A 139 8.59 33.55 -2.26
CA ALA A 139 7.54 32.81 -1.59
C ALA A 139 8.05 31.45 -1.17
N GLU A 140 7.53 30.95 -0.04
CA GLU A 140 7.84 29.64 0.50
C GLU A 140 6.53 28.92 0.83
N GLY A 141 6.62 27.61 1.07
CA GLY A 141 5.48 26.89 1.60
C GLY A 141 4.23 27.00 0.75
N PHE A 142 3.09 27.21 1.42
CA PHE A 142 1.80 27.18 0.70
C PHE A 142 1.70 28.31 -0.31
N HIS A 143 2.20 29.51 0.05
CA HIS A 143 2.24 30.61 -0.91
C HIS A 143 2.96 30.18 -2.18
N ALA A 144 4.16 29.59 -2.02
CA ALA A 144 4.89 29.10 -3.18
C ALA A 144 4.09 28.03 -3.92
N ARG A 145 3.39 27.17 -3.17
CA ARG A 145 2.64 26.07 -3.78
C ARG A 145 1.48 26.60 -4.63
N VAL A 146 0.70 27.55 -4.11
CA VAL A 146 -0.42 28.00 -4.92
CA VAL A 146 -0.43 28.10 -4.88
C VAL A 146 0.06 28.75 -6.15
N VAL A 147 1.18 29.49 -6.06
CA VAL A 147 1.68 30.17 -7.26
C VAL A 147 2.08 29.15 -8.32
N GLN A 148 2.76 28.05 -7.90
CA GLN A 148 3.14 27.02 -8.87
C GLN A 148 1.91 26.33 -9.47
N HIS A 149 0.92 26.03 -8.62
CA HIS A 149 -0.31 25.39 -9.09
C HIS A 149 -1.02 26.25 -10.12
N GLU A 150 -1.12 27.56 -9.86
CA GLU A 150 -1.86 28.42 -10.78
C GLU A 150 -1.08 28.62 -12.07
N CYS A 151 0.23 28.82 -11.98
CA CYS A 151 1.02 28.98 -13.20
C CYS A 151 1.01 27.71 -14.04
N ASP A 152 0.86 26.54 -13.41
CA ASP A 152 0.73 25.29 -14.17
C ASP A 152 -0.48 25.34 -15.10
N HIS A 153 -1.60 25.92 -14.64
CA HIS A 153 -2.78 26.03 -15.50
C HIS A 153 -2.45 26.71 -16.81
N LEU A 154 -1.51 27.66 -16.78
CA LEU A 154 -1.21 28.46 -17.96
C LEU A 154 -0.38 27.69 -18.99
N ILE A 155 0.13 26.51 -18.62
CA ILE A 155 0.78 25.63 -19.59
C ILE A 155 0.03 24.32 -19.73
N GLY A 156 -1.26 24.32 -19.37
CA GLY A 156 -2.11 23.19 -19.64
C GLY A 156 -1.89 22.03 -18.71
N LYS A 157 -1.43 22.29 -17.50
CA LYS A 157 -1.15 21.24 -16.52
C LYS A 157 -2.13 21.33 -15.36
N LEU A 158 -2.76 20.20 -15.07
CA LEU A 158 -3.63 20.03 -13.93
C LEU A 158 -2.88 19.15 -12.93
N TYR A 159 -3.16 19.30 -11.64
CA TYR A 159 -2.28 18.65 -10.67
C TYR A 159 -2.24 17.12 -10.77
N PRO A 160 -3.25 16.39 -11.25
CA PRO A 160 -3.04 14.93 -11.42
C PRO A 160 -1.90 14.59 -12.38
N MET A 161 -1.58 15.49 -13.31
CA MET A 161 -0.45 15.30 -14.19
C MET A 161 0.88 15.35 -13.46
N ARG A 162 0.90 15.90 -12.24
CA ARG A 162 2.11 16.00 -11.45
C ARG A 162 2.26 14.88 -10.43
N ILE A 163 1.24 14.05 -10.27
CA ILE A 163 1.28 12.96 -9.30
C ILE A 163 1.93 11.71 -9.93
N ASN A 164 2.89 11.09 -9.22
CA ASN A 164 3.42 9.80 -9.67
C ASN A 164 2.85 8.64 -8.86
N ASP A 165 2.48 8.89 -7.60
CA ASP A 165 2.02 7.82 -6.71
C ASP A 165 0.55 8.04 -6.40
N PHE A 166 -0.32 7.33 -7.11
CA PHE A 166 -1.75 7.55 -6.95
C PHE A 166 -2.34 6.83 -5.74
N ALA A 167 -1.51 6.16 -4.93
CA ALA A 167 -2.00 5.80 -3.61
C ALA A 167 -2.33 7.06 -2.80
N LYS A 168 -1.66 8.17 -3.09
CA LYS A 168 -1.90 9.45 -2.40
C LYS A 168 -2.84 10.33 -3.22
N PHE A 169 -4.02 9.79 -3.53
CA PHE A 169 -5.01 10.48 -4.34
C PHE A 169 -6.37 9.89 -4.02
N GLY A 170 -7.39 10.74 -3.91
CA GLY A 170 -8.71 10.21 -3.61
C GLY A 170 -9.67 11.31 -3.27
N PHE A 171 -10.84 10.90 -2.79
CA PHE A 171 -11.91 11.86 -2.55
C PHE A 171 -11.71 12.58 -1.22
N THR A 172 -11.94 13.90 -1.23
CA THR A 172 -11.67 14.73 -0.06
C THR A 172 -12.37 14.20 1.18
N GLU A 173 -13.65 13.83 1.05
CA GLU A 173 -14.43 13.36 2.19
C GLU A 173 -13.88 12.08 2.79
N VAL A 174 -13.13 11.30 2.02
CA VAL A 174 -12.54 10.07 2.53
C VAL A 174 -11.19 10.33 3.17
N LEU A 175 -10.34 11.09 2.46
CA LEU A 175 -9.01 11.41 2.97
C LEU A 175 -9.06 12.39 4.14
N PHE A 176 -10.02 13.32 4.15
CA PHE A 176 -10.14 14.31 5.21
C PHE A 176 -11.58 14.35 5.72
N PRO A 177 -11.98 13.34 6.51
CA PRO A 177 -13.36 13.22 7.01
C PRO A 177 -13.64 14.12 8.20
N MET B 9 14.49 17.04 8.68
CA MET B 9 14.02 15.81 9.31
C MET B 9 14.14 14.61 8.39
N ILE B 10 14.98 13.65 8.76
CA ILE B 10 15.12 12.44 7.98
C ILE B 10 13.78 11.71 7.91
N ARG B 11 13.46 11.18 6.74
CA ARG B 11 12.21 10.45 6.59
C ARG B 11 12.29 9.14 7.36
N GLU B 12 11.22 8.82 8.07
CA GLU B 12 11.18 7.64 8.93
C GLU B 12 11.02 6.38 8.11
N ILE B 13 11.64 5.30 8.59
CA ILE B 13 11.50 3.99 7.98
C ILE B 13 10.28 3.30 8.59
N LEU B 14 9.37 2.85 7.74
CA LEU B 14 8.19 2.14 8.22
C LEU B 14 8.56 0.76 8.74
N LYS B 15 7.85 0.31 9.76
CA LYS B 15 8.13 -0.97 10.39
C LYS B 15 7.12 -2.03 9.96
N MET B 16 7.57 -3.28 10.00
CA MET B 16 6.74 -4.41 9.63
C MET B 16 5.41 -4.39 10.38
N GLY B 17 4.33 -4.57 9.62
CA GLY B 17 2.97 -4.36 10.10
C GLY B 17 2.29 -3.20 9.39
N ASP B 18 3.07 -2.24 8.92
CA ASP B 18 2.48 -1.12 8.21
C ASP B 18 1.94 -1.59 6.86
N PRO B 19 0.70 -1.23 6.50
CA PRO B 19 0.13 -1.69 5.22
C PRO B 19 0.93 -1.25 4.02
N ARG B 20 1.66 -0.14 4.13
CA ARG B 20 2.40 0.39 2.99
C ARG B 20 3.61 -0.49 2.61
N LEU B 21 4.00 -1.43 3.47
CA LEU B 21 5.07 -2.35 3.13
C LEU B 21 4.57 -3.60 2.40
N LEU B 22 3.27 -3.68 2.13
CA LEU B 22 2.64 -4.88 1.57
C LEU B 22 1.98 -4.61 0.22
N ARG B 23 2.46 -3.60 -0.51
CA ARG B 23 1.80 -3.20 -1.76
C ARG B 23 2.72 -3.43 -2.96
N ILE B 24 2.13 -3.31 -4.15
CA ILE B 24 2.86 -3.38 -5.41
C ILE B 24 3.22 -1.95 -5.84
N ALA B 25 4.51 -1.65 -5.94
CA ALA B 25 4.95 -0.30 -6.31
C ALA B 25 4.72 -0.04 -7.78
N ASP B 26 4.43 1.22 -8.12
CA ASP B 26 4.20 1.62 -9.50
C ASP B 26 5.48 2.14 -10.14
N PRO B 27 5.60 2.03 -11.46
N PRO B 27 5.61 2.04 -11.46
CA PRO B 27 6.81 2.50 -12.15
CA PRO B 27 6.82 2.50 -12.12
C PRO B 27 6.98 4.01 -12.04
C PRO B 27 6.97 4.01 -12.09
N VAL B 28 8.23 4.45 -12.10
CA VAL B 28 8.54 5.85 -12.29
C VAL B 28 8.28 6.19 -13.74
N ASP B 29 7.53 7.27 -13.96
CA ASP B 29 7.03 7.68 -15.28
C ASP B 29 7.97 8.64 -15.98
N HIS B 30 8.68 9.48 -15.22
CA HIS B 30 9.46 10.55 -15.80
C HIS B 30 10.78 10.66 -15.07
N PHE B 31 11.87 10.67 -15.82
CA PHE B 31 13.21 10.69 -15.25
C PHE B 31 13.74 12.12 -15.21
N ASP B 32 14.77 12.31 -14.38
CA ASP B 32 15.50 13.57 -14.28
C ASP B 32 14.58 14.74 -13.92
N THR B 33 13.65 14.48 -13.00
CA THR B 33 12.78 15.53 -12.48
C THR B 33 13.28 15.99 -11.11
N PRO B 34 12.97 17.21 -10.70
CA PRO B 34 13.38 17.64 -9.35
C PRO B 34 12.74 16.80 -8.26
N GLU B 35 11.52 16.30 -8.49
CA GLU B 35 10.89 15.41 -7.51
C GLU B 35 11.66 14.11 -7.36
N LEU B 36 12.10 13.53 -8.49
CA LEU B 36 12.80 12.26 -8.40
C LEU B 36 14.18 12.44 -7.76
N HIS B 37 14.88 13.53 -8.09
CA HIS B 37 16.16 13.78 -7.42
C HIS B 37 15.96 13.96 -5.92
N GLU B 38 14.87 14.62 -5.51
CA GLU B 38 14.60 14.83 -4.09
C GLU B 38 14.34 13.51 -3.39
N LEU B 39 13.58 12.61 -4.05
CA LEU B 39 13.32 11.30 -3.47
C LEU B 39 14.62 10.53 -3.25
N VAL B 40 15.50 10.55 -4.25
CA VAL B 40 16.76 9.82 -4.16
C VAL B 40 17.61 10.37 -3.03
N LYS B 41 17.67 11.71 -2.93
CA LYS B 41 18.42 12.36 -1.85
C LYS B 41 17.87 11.95 -0.49
N ASP B 42 16.54 11.98 -0.34
CA ASP B 42 15.92 11.57 0.92
C ASP B 42 16.25 10.11 1.25
N MET B 43 16.22 9.24 0.25
CA MET B 43 16.46 7.82 0.51
C MET B 43 17.90 7.56 0.94
N PHE B 44 18.89 8.16 0.26
CA PHE B 44 20.26 7.98 0.71
C PHE B 44 20.46 8.52 2.10
N GLU B 45 19.83 9.65 2.42
CA GLU B 45 19.92 10.24 3.74
C GLU B 45 19.40 9.28 4.79
N THR B 46 18.25 8.67 4.52
CA THR B 46 17.66 7.70 5.44
C THR B 46 18.52 6.44 5.54
N MET B 47 18.98 5.91 4.41
CA MET B 47 19.78 4.68 4.42
C MET B 47 21.07 4.86 5.21
N HIS B 48 21.84 5.91 4.91
CA HIS B 48 23.12 6.09 5.58
C HIS B 48 22.93 6.36 7.07
N ASP B 49 21.92 7.15 7.41
CA ASP B 49 21.63 7.41 8.82
C ASP B 49 21.37 6.11 9.59
N ALA B 50 20.71 5.15 8.95
CA ALA B 50 20.42 3.86 9.59
C ALA B 50 21.51 2.82 9.37
N ASN B 51 22.58 3.16 8.65
CA ASN B 51 23.69 2.24 8.37
C ASN B 51 23.23 1.05 7.53
N GLY B 52 22.35 1.29 6.56
CA GLY B 52 21.81 0.22 5.75
C GLY B 52 22.61 -0.07 4.50
N ALA B 53 22.46 -1.30 4.00
CA ALA B 53 23.05 -1.71 2.73
C ALA B 53 22.12 -1.47 1.54
N GLY B 54 20.82 -1.31 1.78
CA GLY B 54 19.88 -0.97 0.73
C GLY B 54 18.65 -0.30 1.32
N LEU B 55 17.86 0.30 0.45
CA LEU B 55 16.59 0.87 0.89
C LEU B 55 15.67 0.93 -0.32
N ALA B 56 14.37 0.70 -0.09
CA ALA B 56 13.37 0.76 -1.14
C ALA B 56 12.36 1.85 -0.81
N ALA B 57 11.88 2.53 -1.85
CA ALA B 57 10.99 3.67 -1.63
C ALA B 57 9.76 3.34 -0.77
N PRO B 58 9.14 2.15 -0.87
CA PRO B 58 8.00 1.87 0.02
C PRO B 58 8.36 1.95 1.49
N GLN B 59 9.63 1.72 1.84
CA GLN B 59 10.02 1.81 3.24
C GLN B 59 9.93 3.23 3.79
N ILE B 60 9.80 4.25 2.93
CA ILE B 60 9.55 5.59 3.45
C ILE B 60 8.20 6.08 2.95
N GLY B 61 7.30 5.15 2.62
CA GLY B 61 5.93 5.51 2.30
C GLY B 61 5.70 5.94 0.86
N VAL B 62 6.65 5.70 -0.03
CA VAL B 62 6.58 6.14 -1.42
C VAL B 62 6.43 4.90 -2.28
N ASN B 63 5.27 4.73 -2.92
CA ASN B 63 4.97 3.44 -3.54
C ASN B 63 5.43 3.40 -5.00
N LEU B 64 6.73 3.66 -5.20
CA LEU B 64 7.33 3.75 -6.52
C LEU B 64 8.47 2.75 -6.63
N GLN B 65 8.77 2.34 -7.86
CA GLN B 65 9.79 1.30 -8.10
C GLN B 65 11.19 1.93 -8.12
N VAL B 66 11.64 2.32 -6.93
CA VAL B 66 12.96 2.92 -6.73
C VAL B 66 13.64 2.21 -5.58
N VAL B 67 14.85 1.71 -5.82
CA VAL B 67 15.66 1.15 -4.75
C VAL B 67 17.07 1.71 -4.87
N ILE B 68 17.74 1.80 -3.73
CA ILE B 68 19.16 2.14 -3.69
C ILE B 68 19.87 1.07 -2.88
N PHE B 69 21.17 0.93 -3.13
CA PHE B 69 21.99 -0.02 -2.38
C PHE B 69 23.46 0.28 -2.64
N GLY B 70 24.31 -0.35 -1.84
CA GLY B 70 25.74 -0.19 -2.07
C GLY B 70 26.47 0.39 -0.88
N PHE B 71 27.77 0.12 -0.83
CA PHE B 71 28.60 0.46 0.30
C PHE B 71 30.02 0.01 -0.03
N GLY B 72 30.97 0.51 0.76
CA GLY B 72 32.35 0.07 0.66
C GLY B 72 32.72 -0.84 1.82
N PRO B 81 32.60 -8.41 -0.48
CA PRO B 81 33.04 -7.39 -1.44
C PRO B 81 32.24 -6.10 -1.36
N PRO B 82 32.83 -5.01 -1.83
CA PRO B 82 32.07 -3.75 -1.91
C PRO B 82 30.97 -3.86 -2.94
N VAL B 83 29.76 -3.45 -2.56
CA VAL B 83 28.64 -3.43 -3.50
C VAL B 83 28.60 -2.04 -4.12
N PRO B 84 28.56 -1.93 -5.44
CA PRO B 84 28.56 -0.60 -6.06
C PRO B 84 27.36 0.22 -5.61
N GLU B 85 27.59 1.47 -5.25
CA GLU B 85 26.50 2.35 -4.88
C GLU B 85 25.63 2.62 -6.10
N THR B 86 24.34 2.34 -5.98
CA THR B 86 23.48 2.26 -7.15
C THR B 86 22.09 2.80 -6.86
N VAL B 87 21.53 3.54 -7.83
CA VAL B 87 20.11 3.88 -7.87
C VAL B 87 19.50 3.06 -8.99
N LEU B 88 18.52 2.22 -8.65
CA LEU B 88 17.92 1.28 -9.61
C LEU B 88 16.42 1.50 -9.65
N ILE B 89 15.92 1.89 -10.83
CA ILE B 89 14.54 2.28 -11.01
C ILE B 89 13.88 1.38 -12.04
N ASN B 90 12.63 1.02 -11.80
CA ASN B 90 11.84 0.14 -12.66
C ASN B 90 12.59 -1.18 -12.95
N PRO B 91 13.00 -1.91 -11.93
CA PRO B 91 13.91 -3.03 -12.14
C PRO B 91 13.23 -4.31 -12.61
N THR B 92 14.05 -5.12 -13.28
CA THR B 92 13.69 -6.51 -13.54
CA THR B 92 13.73 -6.49 -13.66
C THR B 92 14.90 -7.37 -13.22
N ILE B 93 14.61 -8.55 -12.68
CA ILE B 93 15.64 -9.51 -12.29
C ILE B 93 15.43 -10.78 -13.09
N THR B 94 16.50 -11.32 -13.64
CA THR B 94 16.47 -12.58 -14.37
C THR B 94 17.59 -13.46 -13.85
N PRO B 95 17.29 -14.54 -13.13
CA PRO B 95 18.37 -15.44 -12.67
C PRO B 95 19.16 -16.01 -13.83
N VAL B 96 20.49 -16.08 -13.67
CA VAL B 96 21.32 -16.65 -14.72
C VAL B 96 21.20 -18.16 -14.75
N SER B 97 21.05 -18.76 -13.57
CA SER B 97 20.73 -20.17 -13.38
C SER B 97 19.78 -20.26 -12.20
N GLN B 98 19.32 -21.48 -11.92
CA GLN B 98 18.44 -21.69 -10.78
C GLN B 98 19.21 -22.01 -9.50
N ASP B 99 20.54 -21.86 -9.50
CA ASP B 99 21.32 -22.04 -8.28
C ASP B 99 20.88 -21.07 -7.19
N MET B 100 20.71 -21.57 -5.98
CA MET B 100 20.38 -20.71 -4.86
C MET B 100 21.31 -20.97 -3.68
N GLU B 101 21.40 -19.99 -2.79
CA GLU B 101 22.20 -20.14 -1.58
C GLU B 101 21.48 -19.47 -0.41
N GLU B 102 21.61 -20.10 0.74
CA GLU B 102 21.01 -19.58 1.97
C GLU B 102 21.98 -18.60 2.61
N GLY B 103 21.43 -17.55 3.21
CA GLY B 103 22.23 -16.59 3.93
C GLY B 103 21.38 -15.78 4.87
N TRP B 104 22.04 -15.19 5.87
CA TRP B 104 21.33 -14.41 6.88
C TRP B 104 20.97 -13.02 6.34
N GLU B 105 19.72 -12.60 6.55
CA GLU B 105 19.26 -11.28 6.13
C GLU B 105 18.65 -10.53 7.31
N GLY B 106 18.80 -9.21 7.27
CA GLY B 106 18.09 -8.31 8.13
C GLY B 106 17.37 -7.28 7.28
N CYS B 107 16.63 -6.41 7.95
CA CYS B 107 15.88 -5.39 7.22
C CYS B 107 15.66 -4.20 8.12
N LEU B 108 15.84 -3.00 7.58
CA LEU B 108 15.59 -1.82 8.38
C LEU B 108 14.13 -1.71 8.81
N SER B 109 13.21 -2.37 8.10
CA SER B 109 11.81 -2.39 8.50
C SER B 109 11.51 -3.50 9.51
N VAL B 110 12.50 -4.32 9.84
CA VAL B 110 12.32 -5.43 10.80
C VAL B 110 13.45 -5.33 11.83
N PRO B 111 13.50 -4.25 12.61
CA PRO B 111 14.65 -4.04 13.51
C PRO B 111 14.77 -5.14 14.54
N GLY B 112 16.02 -5.55 14.79
CA GLY B 112 16.33 -6.45 15.88
C GLY B 112 16.34 -7.92 15.54
N LEU B 113 15.98 -8.29 14.32
CA LEU B 113 15.82 -9.68 13.93
CA LEU B 113 15.81 -9.68 13.92
C LEU B 113 16.74 -10.03 12.76
N ARG B 114 16.98 -11.33 12.58
CA ARG B 114 17.67 -11.88 11.42
C ARG B 114 17.01 -13.20 11.04
N GLY B 115 17.00 -13.51 9.74
CA GLY B 115 16.49 -14.79 9.27
C GLY B 115 17.28 -15.31 8.08
N ALA B 116 17.32 -16.63 7.95
CA ALA B 116 18.01 -17.26 6.83
C ALA B 116 17.07 -17.39 5.63
N VAL B 117 17.53 -16.91 4.47
CA VAL B 117 16.72 -16.80 3.26
C VAL B 117 17.50 -17.38 2.08
N SER B 118 16.85 -18.20 1.26
CA SER B 118 17.46 -18.64 0.02
C SER B 118 17.26 -17.57 -1.05
N ARG B 119 18.33 -17.25 -1.77
CA ARG B 119 18.28 -16.32 -2.90
C ARG B 119 19.00 -16.91 -4.10
N PHE B 120 18.70 -16.43 -5.29
CA PHE B 120 19.48 -16.88 -6.45
C PHE B 120 20.92 -16.43 -6.32
N SER B 121 21.83 -17.34 -6.67
CA SER B 121 23.25 -17.06 -6.52
C SER B 121 23.77 -16.09 -7.54
N MET B 122 23.20 -16.07 -8.75
CA MET B 122 23.72 -15.24 -9.83
C MET B 122 22.54 -14.72 -10.64
N ILE B 123 22.46 -13.39 -10.78
CA ILE B 123 21.32 -12.76 -11.46
C ILE B 123 21.83 -11.74 -12.46
N LYS B 124 21.02 -11.51 -13.48
CA LYS B 124 21.12 -10.31 -14.30
C LYS B 124 20.03 -9.36 -13.79
N TYR B 125 20.37 -8.09 -13.61
CA TYR B 125 19.30 -7.15 -13.31
C TYR B 125 19.38 -5.97 -14.26
N HIS B 126 18.19 -5.44 -14.59
CA HIS B 126 18.04 -4.35 -15.55
C HIS B 126 17.17 -3.27 -14.94
N GLY B 127 17.47 -2.03 -15.30
CA GLY B 127 16.65 -0.92 -14.84
C GLY B 127 17.24 0.37 -15.35
N PHE B 128 17.01 1.46 -14.63
CA PHE B 128 17.45 2.78 -15.04
C PHE B 128 17.94 3.56 -13.83
N ASP B 129 18.86 4.49 -14.04
CA ASP B 129 19.23 5.41 -12.98
C ASP B 129 18.24 6.59 -12.96
N GLN B 130 18.47 7.56 -12.07
CA GLN B 130 17.49 8.64 -11.94
C GLN B 130 17.53 9.61 -13.11
N TYR B 131 18.48 9.46 -14.04
CA TYR B 131 18.51 10.24 -15.25
C TYR B 131 17.90 9.51 -16.44
N GLY B 132 17.37 8.32 -16.23
CA GLY B 132 16.83 7.52 -17.31
C GLY B 132 17.84 6.68 -18.05
N LYS B 133 19.10 6.66 -17.60
CA LYS B 133 20.13 5.89 -18.28
C LYS B 133 19.97 4.41 -17.92
N PRO B 134 20.03 3.51 -18.90
CA PRO B 134 19.86 2.08 -18.58
C PRO B 134 21.00 1.53 -17.73
N ILE B 135 20.63 0.58 -16.89
CA ILE B 135 21.55 -0.21 -16.08
C ILE B 135 21.32 -1.67 -16.45
N ASP B 136 22.39 -2.38 -16.78
CA ASP B 136 22.30 -3.81 -17.03
C ASP B 136 23.54 -4.44 -16.42
N ARG B 137 23.33 -5.30 -15.43
CA ARG B 137 24.43 -5.87 -14.66
C ARG B 137 24.18 -7.33 -14.33
N VAL B 138 25.27 -8.04 -14.11
CA VAL B 138 25.25 -9.36 -13.51
C VAL B 138 25.82 -9.23 -12.11
N ALA B 139 25.16 -9.83 -11.14
CA ALA B 139 25.55 -9.78 -9.74
C ALA B 139 25.58 -11.18 -9.17
N GLU B 140 26.46 -11.40 -8.20
CA GLU B 140 26.52 -12.68 -7.50
CA GLU B 140 26.65 -12.67 -7.50
C GLU B 140 26.62 -12.42 -6.00
N GLY B 141 26.46 -13.50 -5.25
CA GLY B 141 26.64 -13.44 -3.80
C GLY B 141 25.81 -12.35 -3.13
N PHE B 142 26.47 -11.57 -2.27
CA PHE B 142 25.74 -10.60 -1.44
C PHE B 142 25.17 -9.47 -2.28
N HIS B 143 25.91 -9.04 -3.31
CA HIS B 143 25.37 -8.06 -4.26
C HIS B 143 24.05 -8.55 -4.84
N ALA B 144 24.01 -9.80 -5.31
CA ALA B 144 22.77 -10.35 -5.84
C ALA B 144 21.71 -10.45 -4.76
N ARG B 145 22.12 -10.79 -3.53
CA ARG B 145 21.15 -10.92 -2.43
C ARG B 145 20.49 -9.59 -2.11
N VAL B 146 21.28 -8.50 -2.00
CA VAL B 146 20.71 -7.19 -1.69
CA VAL B 146 20.66 -7.22 -1.66
C VAL B 146 19.73 -6.75 -2.78
N VAL B 147 20.11 -6.98 -4.05
CA VAL B 147 19.22 -6.57 -5.12
C VAL B 147 17.89 -7.32 -5.01
N GLN B 148 17.94 -8.62 -4.76
CA GLN B 148 16.71 -9.39 -4.65
C GLN B 148 15.88 -8.94 -3.45
N HIS B 149 16.54 -8.68 -2.33
CA HIS B 149 15.87 -8.19 -1.13
C HIS B 149 15.15 -6.86 -1.38
N GLU B 150 15.86 -5.90 -1.98
CA GLU B 150 15.25 -4.60 -2.23
C GLU B 150 14.12 -4.69 -3.24
N CYS B 151 14.29 -5.47 -4.30
CA CYS B 151 13.22 -5.56 -5.28
C CYS B 151 12.00 -6.27 -4.69
N ASP B 152 12.19 -7.15 -3.72
CA ASP B 152 11.05 -7.76 -3.03
C ASP B 152 10.18 -6.71 -2.38
N HIS B 153 10.77 -5.66 -1.81
CA HIS B 153 9.96 -4.60 -1.21
C HIS B 153 8.97 -4.01 -2.20
N LEU B 154 9.36 -3.95 -3.49
CA LEU B 154 8.54 -3.35 -4.53
C LEU B 154 7.34 -4.21 -4.91
N ILE B 155 7.28 -5.46 -4.46
CA ILE B 155 6.11 -6.29 -4.64
C ILE B 155 5.53 -6.69 -3.27
N GLY B 156 5.82 -5.90 -2.23
CA GLY B 156 5.15 -6.08 -0.97
C GLY B 156 5.62 -7.25 -0.17
N LYS B 157 6.88 -7.66 -0.37
CA LYS B 157 7.43 -8.81 0.33
CA LYS B 157 7.45 -8.82 0.30
C LYS B 157 8.55 -8.37 1.25
N LEU B 158 8.44 -8.81 2.51
CA LEU B 158 9.46 -8.66 3.54
C LEU B 158 10.09 -10.04 3.72
N TYR B 159 11.37 -10.08 4.12
CA TYR B 159 12.07 -11.36 4.07
C TYR B 159 11.45 -12.47 4.92
N PRO B 160 10.74 -12.21 6.03
CA PRO B 160 10.08 -13.34 6.72
C PRO B 160 9.08 -14.07 5.83
N MET B 161 8.53 -13.41 4.80
CA MET B 161 7.66 -14.07 3.83
C MET B 161 8.42 -15.02 2.93
N ARG B 162 9.75 -14.99 2.95
CA ARG B 162 10.58 -15.88 2.13
C ARG B 162 11.20 -17.01 2.94
N ILE B 163 11.05 -16.98 4.26
CA ILE B 163 11.68 -17.99 5.12
C ILE B 163 10.84 -19.26 5.11
N ASN B 164 11.50 -20.42 4.94
CA ASN B 164 10.81 -21.69 4.96
C ASN B 164 11.05 -22.49 6.24
N ASP B 165 12.02 -22.10 7.07
CA ASP B 165 12.42 -22.86 8.25
C ASP B 165 12.68 -21.86 9.37
N PHE B 166 11.72 -21.70 10.29
CA PHE B 166 11.84 -20.64 11.27
C PHE B 166 12.73 -21.02 12.45
N ALA B 167 13.33 -22.20 12.43
CA ALA B 167 14.45 -22.43 13.35
C ALA B 167 15.58 -21.44 13.04
N LYS B 168 15.68 -20.99 11.80
CA LYS B 168 16.72 -20.03 11.39
C LYS B 168 16.18 -18.61 11.38
N PHE B 169 15.64 -18.19 12.52
CA PHE B 169 15.03 -16.87 12.67
C PHE B 169 15.04 -16.49 14.15
N GLY B 170 15.36 -15.22 14.42
CA GLY B 170 15.34 -14.80 15.81
C GLY B 170 16.02 -13.45 15.98
N PHE B 171 16.28 -13.11 17.22
CA PHE B 171 16.86 -11.82 17.53
C PHE B 171 18.36 -11.81 17.31
N THR B 172 18.84 -10.76 16.63
CA THR B 172 20.23 -10.68 16.20
C THR B 172 21.20 -10.92 17.35
N GLU B 173 20.98 -10.29 18.50
CA GLU B 173 21.96 -10.40 19.56
C GLU B 173 21.94 -11.76 20.25
N VAL B 174 20.92 -12.57 20.01
CA VAL B 174 20.90 -13.94 20.49
C VAL B 174 21.52 -14.89 19.47
N LEU B 175 21.22 -14.68 18.19
CA LEU B 175 21.79 -15.51 17.14
C LEU B 175 23.27 -15.21 16.92
N PHE B 176 23.69 -13.96 17.14
CA PHE B 176 25.05 -13.53 16.82
C PHE B 176 25.58 -12.67 17.96
N PRO B 177 25.94 -13.29 19.09
CA PRO B 177 26.56 -12.55 20.19
C PRO B 177 28.04 -12.28 19.95
N ILE C 10 -27.57 -4.69 -0.24
CA ILE C 10 -26.64 -3.76 -0.88
C ILE C 10 -25.72 -3.13 0.15
N ARG C 11 -24.41 -3.32 -0.04
CA ARG C 11 -23.39 -2.79 0.86
C ARG C 11 -22.76 -1.53 0.26
N GLU C 12 -22.11 -0.76 1.13
CA GLU C 12 -21.49 0.50 0.70
C GLU C 12 -20.27 0.22 -0.18
N ILE C 13 -20.16 0.97 -1.28
CA ILE C 13 -19.00 0.91 -2.15
C ILE C 13 -17.97 1.94 -1.67
N LEU C 14 -16.77 1.48 -1.34
CA LEU C 14 -15.73 2.37 -0.85
C LEU C 14 -15.20 3.23 -1.99
N LYS C 15 -14.86 4.47 -1.65
CA LYS C 15 -14.35 5.43 -2.63
C LYS C 15 -12.83 5.57 -2.52
N MET C 16 -12.19 5.86 -3.66
CA MET C 16 -10.75 6.01 -3.69
C MET C 16 -10.28 6.99 -2.61
N GLY C 17 -9.19 6.61 -1.94
CA GLY C 17 -8.74 7.26 -0.72
C GLY C 17 -8.85 6.34 0.49
N ASP C 18 -9.78 5.41 0.46
CA ASP C 18 -9.89 4.42 1.52
C ASP C 18 -8.73 3.44 1.42
N PRO C 19 -7.96 3.23 2.49
CA PRO C 19 -6.80 2.32 2.41
C PRO C 19 -7.18 0.89 2.10
N ARG C 20 -8.43 0.50 2.34
CA ARG C 20 -8.83 -0.88 2.04
C ARG C 20 -8.80 -1.19 0.55
N LEU C 21 -8.91 -0.17 -0.32
CA LEU C 21 -8.82 -0.35 -1.77
C LEU C 21 -7.39 -0.51 -2.26
N LEU C 22 -6.41 -0.37 -1.37
CA LEU C 22 -5.00 -0.41 -1.72
C LEU C 22 -4.33 -1.69 -1.25
N ARG C 23 -5.11 -2.62 -0.69
CA ARG C 23 -4.63 -3.87 -0.12
C ARG C 23 -4.52 -4.96 -1.16
N ILE C 24 -3.61 -5.91 -0.93
CA ILE C 24 -3.56 -7.12 -1.73
C ILE C 24 -4.47 -8.15 -1.07
N ALA C 25 -5.46 -8.64 -1.83
CA ALA C 25 -6.52 -9.48 -1.28
C ALA C 25 -6.05 -10.91 -1.05
N ASP C 26 -6.61 -11.53 0.01
CA ASP C 26 -6.32 -12.92 0.34
C ASP C 26 -7.10 -13.86 -0.58
N PRO C 27 -6.56 -15.04 -0.85
CA PRO C 27 -7.31 -16.05 -1.61
C PRO C 27 -8.44 -16.64 -0.78
N VAL C 28 -9.46 -17.12 -1.48
CA VAL C 28 -10.53 -17.89 -0.85
C VAL C 28 -10.03 -19.30 -0.60
N ASP C 29 -10.15 -19.76 0.65
CA ASP C 29 -9.69 -21.09 1.02
C ASP C 29 -10.77 -22.15 0.89
N HIS C 30 -12.03 -21.79 1.14
CA HIS C 30 -13.09 -22.77 1.21
C HIS C 30 -14.24 -22.32 0.31
N PHE C 31 -14.64 -23.21 -0.59
CA PHE C 31 -15.70 -22.96 -1.55
C PHE C 31 -17.02 -23.55 -1.06
N ASP C 32 -18.11 -23.09 -1.69
CA ASP C 32 -19.45 -23.61 -1.44
C ASP C 32 -19.85 -23.47 0.02
N THR C 33 -19.37 -22.43 0.66
CA THR C 33 -19.75 -22.14 2.03
C THR C 33 -20.86 -21.10 2.05
N PRO C 34 -21.75 -21.17 3.06
CA PRO C 34 -22.77 -20.12 3.20
C PRO C 34 -22.18 -18.72 3.23
N GLU C 35 -20.99 -18.55 3.82
CA GLU C 35 -20.37 -17.23 3.87
C GLU C 35 -20.00 -16.75 2.48
N LEU C 36 -19.46 -17.63 1.64
CA LEU C 36 -19.06 -17.22 0.30
C LEU C 36 -20.27 -16.92 -0.57
N HIS C 37 -21.31 -17.76 -0.49
CA HIS C 37 -22.53 -17.51 -1.25
C HIS C 37 -23.16 -16.18 -0.86
N GLU C 38 -23.15 -15.86 0.44
CA GLU C 38 -23.70 -14.57 0.90
C GLU C 38 -22.89 -13.40 0.36
N LEU C 39 -21.55 -13.51 0.39
CA LEU C 39 -20.71 -12.48 -0.19
C LEU C 39 -21.05 -12.25 -1.66
N VAL C 40 -21.22 -13.34 -2.42
CA VAL C 40 -21.50 -13.21 -3.85
C VAL C 40 -22.85 -12.53 -4.08
N LYS C 41 -23.86 -12.92 -3.29
CA LYS C 41 -25.17 -12.29 -3.40
C LYS C 41 -25.09 -10.79 -3.10
N ASP C 42 -24.39 -10.42 -2.01
CA ASP C 42 -24.24 -9.01 -1.67
C ASP C 42 -23.56 -8.25 -2.80
N MET C 43 -22.57 -8.87 -3.44
CA MET C 43 -21.85 -8.18 -4.51
C MET C 43 -22.75 -7.95 -5.71
N PHE C 44 -23.56 -8.94 -6.09
CA PHE C 44 -24.46 -8.74 -7.22
C PHE C 44 -25.50 -7.66 -6.95
N GLU C 45 -26.10 -7.67 -5.75
CA GLU C 45 -27.06 -6.63 -5.40
C GLU C 45 -26.43 -5.24 -5.49
N THR C 46 -25.26 -5.09 -4.86
CA THR C 46 -24.55 -3.82 -4.89
C THR C 46 -24.21 -3.40 -6.32
N MET C 47 -23.67 -4.32 -7.11
CA MET C 47 -23.27 -3.99 -8.48
C MET C 47 -24.48 -3.55 -9.32
N HIS C 48 -25.57 -4.33 -9.27
CA HIS C 48 -26.73 -4.02 -10.09
C HIS C 48 -27.37 -2.70 -9.67
N ASP C 49 -27.42 -2.44 -8.36
CA ASP C 49 -27.99 -1.19 -7.85
C ASP C 49 -27.21 0.04 -8.32
N ALA C 50 -25.93 -0.12 -8.65
CA ALA C 50 -25.09 0.97 -9.11
C ALA C 50 -24.85 0.94 -10.61
N ASN C 51 -25.53 0.05 -11.35
CA ASN C 51 -25.32 -0.12 -12.79
C ASN C 51 -23.87 -0.42 -13.10
N GLY C 52 -23.22 -1.19 -12.23
CA GLY C 52 -21.83 -1.52 -12.44
C GLY C 52 -21.65 -2.55 -13.54
N ALA C 53 -20.50 -2.47 -14.21
CA ALA C 53 -20.08 -3.50 -15.16
C ALA C 53 -19.35 -4.64 -14.48
N GLY C 54 -18.78 -4.37 -13.32
CA GLY C 54 -18.06 -5.36 -12.52
C GLY C 54 -17.96 -4.84 -11.11
N LEU C 55 -17.49 -5.70 -10.22
CA LEU C 55 -17.29 -5.31 -8.82
C LEU C 55 -16.31 -6.29 -8.20
N ALA C 56 -15.40 -5.79 -7.37
CA ALA C 56 -14.48 -6.64 -6.65
C ALA C 56 -14.75 -6.57 -5.14
N ALA C 57 -14.54 -7.71 -4.46
CA ALA C 57 -14.79 -7.76 -3.02
C ALA C 57 -14.14 -6.63 -2.24
N PRO C 58 -12.90 -6.22 -2.52
CA PRO C 58 -12.32 -5.08 -1.78
C PRO C 58 -13.11 -3.80 -1.87
N GLN C 59 -13.93 -3.64 -2.92
CA GLN C 59 -14.72 -2.41 -3.05
C GLN C 59 -15.86 -2.33 -2.05
N ILE C 60 -16.26 -3.44 -1.43
CA ILE C 60 -17.22 -3.39 -0.33
C ILE C 60 -16.55 -3.74 0.99
N GLY C 61 -15.22 -3.67 1.04
CA GLY C 61 -14.47 -3.82 2.26
C GLY C 61 -14.04 -5.23 2.60
N VAL C 62 -14.16 -6.17 1.68
CA VAL C 62 -13.89 -7.60 1.94
C VAL C 62 -12.58 -7.96 1.24
N ASN C 63 -11.57 -8.37 2.02
CA ASN C 63 -10.22 -8.52 1.47
C ASN C 63 -9.99 -9.92 0.89
N LEU C 64 -10.84 -10.30 -0.06
CA LEU C 64 -10.81 -11.63 -0.66
C LEU C 64 -10.72 -11.53 -2.17
N GLN C 65 -10.12 -12.55 -2.79
CA GLN C 65 -9.93 -12.58 -4.25
C GLN C 65 -11.22 -13.07 -4.93
N VAL C 66 -12.23 -12.20 -4.90
CA VAL C 66 -13.52 -12.50 -5.48
C VAL C 66 -13.93 -11.31 -6.35
N VAL C 67 -14.24 -11.57 -7.62
CA VAL C 67 -14.77 -10.52 -8.47
C VAL C 67 -15.98 -11.06 -9.22
N ILE C 68 -16.87 -10.13 -9.62
CA ILE C 68 -18.00 -10.45 -10.46
C ILE C 68 -18.04 -9.43 -11.60
N PHE C 69 -18.65 -9.83 -12.70
CA PHE C 69 -18.75 -8.91 -13.84
C PHE C 69 -19.75 -9.48 -14.83
N GLY C 70 -20.16 -8.64 -15.77
CA GLY C 70 -20.99 -9.10 -16.88
C GLY C 70 -22.40 -8.54 -16.82
N PHE C 71 -23.05 -8.56 -17.98
CA PHE C 71 -24.31 -7.88 -18.21
C PHE C 71 -24.74 -8.18 -19.65
N GLY C 72 -26.00 -7.87 -19.93
CA GLY C 72 -26.47 -7.82 -21.31
C GLY C 72 -26.20 -6.46 -21.91
N HIS C 73 -26.80 -5.42 -21.33
CA HIS C 73 -26.48 -4.04 -21.68
C HIS C 73 -26.14 -3.28 -20.41
N ASN C 74 -25.29 -2.26 -20.54
CA ASN C 74 -24.90 -1.46 -19.39
C ASN C 74 -24.95 0.01 -19.75
N GLU C 75 -25.67 0.80 -18.95
CA GLU C 75 -25.91 2.20 -19.27
C GLU C 75 -24.65 3.05 -19.10
N ARG C 76 -23.75 2.66 -18.20
CA ARG C 76 -22.52 3.41 -17.99
CA ARG C 76 -22.52 3.39 -17.98
C ARG C 76 -21.48 3.15 -19.08
N TYR C 77 -21.60 2.05 -19.82
CA TYR C 77 -20.73 1.72 -20.95
C TYR C 77 -21.63 1.34 -22.11
N PRO C 78 -22.34 2.31 -22.69
CA PRO C 78 -23.44 1.97 -23.61
C PRO C 78 -22.98 1.38 -24.93
N ASP C 79 -21.70 1.52 -25.28
CA ASP C 79 -21.18 0.91 -26.50
C ASP C 79 -20.69 -0.52 -26.29
N ALA C 80 -20.63 -0.98 -25.05
CA ALA C 80 -20.04 -2.29 -24.76
C ALA C 80 -21.00 -3.40 -25.17
N PRO C 81 -20.47 -4.50 -25.72
CA PRO C 81 -21.32 -5.66 -26.01
C PRO C 81 -21.66 -6.41 -24.73
N PRO C 82 -22.59 -7.36 -24.79
CA PRO C 82 -22.82 -8.24 -23.64
C PRO C 82 -21.54 -8.89 -23.18
N VAL C 83 -21.37 -9.03 -21.87
CA VAL C 83 -20.23 -9.69 -21.25
C VAL C 83 -20.80 -10.81 -20.38
N PRO C 84 -20.24 -12.02 -20.42
CA PRO C 84 -20.81 -13.13 -19.64
C PRO C 84 -20.86 -12.81 -18.16
N GLU C 85 -22.04 -13.01 -17.55
CA GLU C 85 -22.18 -12.80 -16.12
CA GLU C 85 -22.18 -12.81 -16.12
C GLU C 85 -21.40 -13.88 -15.38
N THR C 86 -20.42 -13.48 -14.60
CA THR C 86 -19.41 -14.39 -14.07
C THR C 86 -19.06 -14.09 -12.61
N VAL C 87 -18.85 -15.16 -11.83
CA VAL C 87 -18.19 -15.11 -10.54
C VAL C 87 -16.81 -15.71 -10.72
N LEU C 88 -15.77 -14.95 -10.40
CA LEU C 88 -14.39 -15.37 -10.65
C LEU C 88 -13.58 -15.22 -9.36
N ILE C 89 -13.06 -16.33 -8.86
CA ILE C 89 -12.40 -16.40 -7.57
C ILE C 89 -10.97 -16.91 -7.77
N ASN C 90 -10.03 -16.34 -7.02
CA ASN C 90 -8.62 -16.67 -7.09
C ASN C 90 -8.07 -16.64 -8.52
N PRO C 91 -8.22 -15.53 -9.23
CA PRO C 91 -7.96 -15.52 -10.67
C PRO C 91 -6.48 -15.33 -11.03
N THR C 92 -6.16 -15.81 -12.23
CA THR C 92 -4.87 -15.51 -12.86
CA THR C 92 -4.86 -15.59 -12.88
C THR C 92 -5.11 -15.11 -14.31
N ILE C 93 -4.35 -14.12 -14.77
CA ILE C 93 -4.47 -13.62 -16.13
C ILE C 93 -3.16 -13.88 -16.86
N THR C 94 -3.28 -14.38 -18.09
CA THR C 94 -2.13 -14.59 -18.97
C THR C 94 -2.43 -13.92 -20.31
N PRO C 95 -1.65 -12.93 -20.72
CA PRO C 95 -1.86 -12.32 -22.04
CA PRO C 95 -1.87 -12.32 -22.04
C PRO C 95 -1.62 -13.31 -23.17
N VAL C 96 -2.44 -13.22 -24.21
CA VAL C 96 -2.20 -14.03 -25.41
C VAL C 96 -1.02 -13.46 -26.20
N SER C 97 -0.94 -12.14 -26.29
CA SER C 97 0.24 -11.47 -26.83
C SER C 97 0.43 -10.16 -26.08
N GLN C 98 1.49 -9.44 -26.41
CA GLN C 98 1.74 -8.15 -25.77
C GLN C 98 0.94 -7.01 -26.40
N ASP C 99 0.09 -7.29 -27.39
CA ASP C 99 -0.71 -6.27 -28.04
C ASP C 99 -1.60 -5.53 -27.04
N MET C 100 -1.51 -4.20 -27.05
CA MET C 100 -2.24 -3.36 -26.11
CA MET C 100 -2.19 -3.31 -26.12
C MET C 100 -3.20 -2.45 -26.87
N GLU C 101 -4.27 -2.07 -26.20
CA GLU C 101 -5.13 -1.04 -26.77
C GLU C 101 -5.69 -0.15 -25.66
N GLU C 102 -5.89 1.10 -26.02
CA GLU C 102 -6.41 2.11 -25.11
C GLU C 102 -7.94 2.11 -25.14
N GLY C 103 -8.54 2.27 -23.97
CA GLY C 103 -9.98 2.39 -23.89
C GLY C 103 -10.37 3.17 -22.65
N TRP C 104 -11.61 3.67 -22.66
CA TRP C 104 -12.09 4.51 -21.58
C TRP C 104 -12.64 3.65 -20.45
N GLU C 105 -12.18 3.92 -19.23
CA GLU C 105 -12.63 3.16 -18.06
C GLU C 105 -13.19 4.09 -16.99
N GLY C 106 -14.21 3.60 -16.30
CA GLY C 106 -14.67 4.19 -15.06
C GLY C 106 -14.61 3.15 -13.96
N CYS C 107 -15.09 3.55 -12.80
CA CYS C 107 -15.04 2.65 -11.63
C CYS C 107 -16.03 3.15 -10.60
N LEU C 108 -16.77 2.22 -9.99
CA LEU C 108 -17.71 2.63 -8.94
C LEU C 108 -17.00 3.19 -7.72
N SER C 109 -15.71 2.89 -7.54
CA SER C 109 -14.92 3.48 -6.47
C SER C 109 -14.29 4.82 -6.86
N VAL C 110 -14.46 5.24 -8.12
CA VAL C 110 -13.98 6.55 -8.59
C VAL C 110 -15.17 7.27 -9.23
N PRO C 111 -16.24 7.53 -8.49
CA PRO C 111 -17.46 8.03 -9.14
C PRO C 111 -17.27 9.36 -9.86
N GLY C 112 -17.89 9.47 -11.04
CA GLY C 112 -17.94 10.71 -11.78
C GLY C 112 -16.88 10.91 -12.83
N LEU C 113 -15.91 9.99 -12.94
CA LEU C 113 -14.76 10.19 -13.81
CA LEU C 113 -14.74 10.17 -13.78
C LEU C 113 -14.63 9.07 -14.83
N ARG C 114 -13.86 9.36 -15.88
CA ARG C 114 -13.40 8.36 -16.85
C ARG C 114 -11.93 8.62 -17.15
N GLY C 115 -11.20 7.58 -17.50
CA GLY C 115 -9.80 7.73 -17.88
C GLY C 115 -9.43 6.72 -18.95
N ALA C 116 -8.51 7.11 -19.83
CA ALA C 116 -8.03 6.22 -20.88
C ALA C 116 -6.94 5.33 -20.32
N VAL C 117 -7.11 4.01 -20.49
CA VAL C 117 -6.20 3.03 -19.90
C VAL C 117 -5.82 2.03 -20.98
N SER C 118 -4.52 1.73 -21.09
CA SER C 118 -4.03 0.70 -21.98
CA SER C 118 -4.06 0.70 -21.99
C SER C 118 -4.12 -0.66 -21.28
N ARG C 119 -4.77 -1.62 -21.94
CA ARG C 119 -4.88 -2.99 -21.45
C ARG C 119 -4.47 -3.96 -22.54
N PHE C 120 -4.21 -5.20 -22.14
CA PHE C 120 -4.02 -6.26 -23.12
C PHE C 120 -5.29 -6.45 -23.94
N SER C 121 -5.12 -6.49 -25.27
CA SER C 121 -6.24 -6.71 -26.17
C SER C 121 -6.84 -8.09 -26.01
N MET C 122 -6.03 -9.10 -25.69
CA MET C 122 -6.45 -10.48 -25.72
CA MET C 122 -6.48 -10.47 -25.69
C MET C 122 -5.82 -11.21 -24.54
N ILE C 123 -6.63 -11.90 -23.74
CA ILE C 123 -6.12 -12.60 -22.56
C ILE C 123 -6.71 -14.00 -22.45
N LYS C 124 -5.97 -14.86 -21.75
CA LYS C 124 -6.54 -16.04 -21.14
C LYS C 124 -6.69 -15.74 -19.65
N TYR C 125 -7.78 -16.21 -19.05
CA TYR C 125 -7.90 -16.06 -17.62
C TYR C 125 -8.44 -17.33 -16.99
N HIS C 126 -8.04 -17.53 -15.73
CA HIS C 126 -8.24 -18.78 -15.03
C HIS C 126 -8.67 -18.49 -13.60
N GLY C 127 -9.60 -19.28 -13.08
CA GLY C 127 -10.08 -19.12 -11.71
C GLY C 127 -11.12 -20.15 -11.31
N PHE C 128 -12.01 -19.79 -10.37
CA PHE C 128 -13.04 -20.72 -9.90
C PHE C 128 -14.33 -19.96 -9.63
N ASP C 129 -15.47 -20.68 -9.70
CA ASP C 129 -16.73 -20.10 -9.29
C ASP C 129 -16.92 -20.32 -7.79
N GLN C 130 -18.08 -19.89 -7.26
CA GLN C 130 -18.29 -20.02 -5.82
C GLN C 130 -18.46 -21.47 -5.37
N TYR C 131 -18.51 -22.42 -6.31
CA TYR C 131 -18.61 -23.84 -6.01
C TYR C 131 -17.26 -24.56 -6.16
N GLY C 132 -16.22 -23.83 -6.53
CA GLY C 132 -14.90 -24.41 -6.74
C GLY C 132 -14.66 -25.03 -8.10
N LYS C 133 -15.58 -24.82 -9.08
CA LYS C 133 -15.35 -25.38 -10.40
C LYS C 133 -14.40 -24.48 -11.20
N PRO C 134 -13.48 -25.04 -11.95
CA PRO C 134 -12.51 -24.23 -12.69
CA PRO C 134 -12.51 -24.22 -12.70
C PRO C 134 -13.18 -23.41 -13.79
N ILE C 135 -12.61 -22.22 -14.03
CA ILE C 135 -12.94 -21.36 -15.15
C ILE C 135 -11.66 -21.12 -15.93
N ASP C 136 -11.68 -21.41 -17.23
CA ASP C 136 -10.52 -21.19 -18.09
C ASP C 136 -11.03 -20.62 -19.41
N ARG C 137 -10.87 -19.31 -19.61
CA ARG C 137 -11.45 -18.63 -20.75
C ARG C 137 -10.42 -17.82 -21.51
N VAL C 138 -10.81 -17.46 -22.73
CA VAL C 138 -10.13 -16.47 -23.54
C VAL C 138 -11.09 -15.30 -23.69
N ALA C 139 -10.55 -14.09 -23.69
CA ALA C 139 -11.40 -12.91 -23.83
C ALA C 139 -10.65 -11.85 -24.60
N GLU C 140 -11.41 -11.03 -25.32
CA GLU C 140 -10.85 -9.87 -26.02
C GLU C 140 -11.74 -8.68 -25.73
N GLY C 141 -11.27 -7.51 -26.19
CA GLY C 141 -12.11 -6.32 -26.12
C GLY C 141 -12.56 -6.00 -24.72
N PHE C 142 -13.84 -5.59 -24.60
CA PHE C 142 -14.34 -5.08 -23.34
C PHE C 142 -14.41 -6.18 -22.28
N HIS C 143 -14.73 -7.41 -22.68
CA HIS C 143 -14.69 -8.54 -21.75
C HIS C 143 -13.31 -8.65 -21.11
N ALA C 144 -12.26 -8.66 -21.94
CA ALA C 144 -10.89 -8.75 -21.41
C ALA C 144 -10.56 -7.53 -20.56
N ARG C 145 -11.06 -6.35 -20.95
CA ARG C 145 -10.79 -5.13 -20.20
C ARG C 145 -11.40 -5.19 -18.81
N VAL C 146 -12.66 -5.60 -18.69
CA VAL C 146 -13.27 -5.59 -17.37
CA VAL C 146 -13.34 -5.68 -17.40
C VAL C 146 -12.63 -6.66 -16.47
N VAL C 147 -12.19 -7.79 -17.04
CA VAL C 147 -11.50 -8.77 -16.22
C VAL C 147 -10.20 -8.21 -15.68
N GLN C 148 -9.41 -7.53 -16.55
CA GLN C 148 -8.17 -6.92 -16.07
C GLN C 148 -8.45 -5.85 -15.02
N HIS C 149 -9.49 -5.04 -15.24
CA HIS C 149 -9.86 -4.00 -14.28
C HIS C 149 -10.24 -4.59 -12.93
N GLU C 150 -11.07 -5.63 -12.93
CA GLU C 150 -11.51 -6.18 -11.66
C GLU C 150 -10.38 -6.90 -10.95
N CYS C 151 -9.54 -7.62 -11.70
CA CYS C 151 -8.42 -8.30 -11.05
C CYS C 151 -7.41 -7.31 -10.50
N ASP C 152 -7.29 -6.13 -11.11
CA ASP C 152 -6.44 -5.09 -10.54
C ASP C 152 -6.90 -4.72 -9.12
N HIS C 153 -8.21 -4.69 -8.87
CA HIS C 153 -8.67 -4.36 -7.52
C HIS C 153 -8.11 -5.32 -6.49
N LEU C 154 -7.91 -6.59 -6.87
CA LEU C 154 -7.44 -7.60 -5.94
C LEU C 154 -5.98 -7.41 -5.55
N ILE C 155 -5.22 -6.60 -6.29
CA ILE C 155 -3.85 -6.27 -5.90
C ILE C 155 -3.75 -4.79 -5.56
N GLY C 156 -4.88 -4.20 -5.14
CA GLY C 156 -4.87 -2.84 -4.61
C GLY C 156 -4.70 -1.75 -5.64
N LYS C 157 -5.12 -1.98 -6.88
CA LYS C 157 -4.95 -1.01 -7.97
C LYS C 157 -6.30 -0.50 -8.44
N LEU C 158 -6.42 0.81 -8.55
CA LEU C 158 -7.52 1.47 -9.23
C LEU C 158 -6.98 2.04 -10.55
N TYR C 159 -7.87 2.28 -11.50
CA TYR C 159 -7.37 2.61 -12.83
C TYR C 159 -6.53 3.88 -12.91
N PRO C 160 -6.68 4.90 -12.05
CA PRO C 160 -5.71 6.02 -12.13
C PRO C 160 -4.25 5.57 -11.97
N MET C 161 -3.97 4.46 -11.28
CA MET C 161 -2.60 3.97 -11.22
CA MET C 161 -2.61 3.94 -11.21
C MET C 161 -2.10 3.47 -12.57
N ARG C 162 -3.01 3.18 -13.50
CA ARG C 162 -2.67 2.61 -14.79
C ARG C 162 -2.67 3.64 -15.92
N ILE C 163 -3.20 4.84 -15.69
CA ILE C 163 -3.27 5.87 -16.72
C ILE C 163 -1.86 6.34 -17.05
N ASN C 164 -1.54 6.45 -18.34
CA ASN C 164 -0.27 7.01 -18.77
C ASN C 164 -0.37 8.47 -19.15
N ASP C 165 -1.52 8.90 -19.67
CA ASP C 165 -1.67 10.26 -20.20
C ASP C 165 -2.82 10.92 -19.45
N PHE C 166 -2.49 11.81 -18.52
CA PHE C 166 -3.54 12.39 -17.67
C PHE C 166 -4.25 13.56 -18.33
N ALA C 167 -3.90 13.89 -19.57
CA ALA C 167 -4.80 14.67 -20.40
C ALA C 167 -6.04 13.87 -20.78
N LYS C 168 -5.99 12.54 -20.66
CA LYS C 168 -7.15 11.70 -20.97
C LYS C 168 -7.77 11.18 -19.70
N PHE C 169 -8.10 12.10 -18.80
CA PHE C 169 -8.68 11.81 -17.50
C PHE C 169 -9.58 12.99 -17.17
N GLY C 170 -10.82 12.73 -16.79
CA GLY C 170 -11.71 13.85 -16.50
C GLY C 170 -13.10 13.36 -16.14
N PHE C 171 -14.01 14.33 -15.99
CA PHE C 171 -15.35 14.00 -15.53
C PHE C 171 -16.20 13.48 -16.69
N THR C 172 -16.96 12.42 -16.39
CA THR C 172 -17.69 11.69 -17.42
C THR C 172 -18.55 12.60 -18.26
N GLU C 173 -19.29 13.51 -17.64
CA GLU C 173 -20.22 14.33 -18.42
C GLU C 173 -19.51 15.39 -19.24
N VAL C 174 -18.24 15.69 -18.95
CA VAL C 174 -17.46 16.59 -19.79
C VAL C 174 -16.86 15.84 -20.97
N LEU C 175 -16.28 14.66 -20.69
CA LEU C 175 -15.69 13.84 -21.75
C LEU C 175 -16.77 13.26 -22.65
N PHE C 176 -17.93 12.94 -22.10
CA PHE C 176 -19.00 12.29 -22.85
C PHE C 176 -20.31 13.02 -22.60
N PRO C 177 -20.47 14.20 -23.19
CA PRO C 177 -21.66 15.03 -22.88
C PRO C 177 -22.98 14.38 -23.28
N ASP C 178 -22.98 13.44 -24.23
CA ASP C 178 -24.22 12.73 -24.53
C ASP C 178 -24.60 11.75 -23.42
N MET C 179 -23.83 11.66 -22.35
CA MET C 179 -24.20 10.86 -21.19
C MET C 179 -24.74 11.76 -20.07
N ILE D 10 13.62 -12.68 39.61
CA ILE D 10 12.90 -13.37 38.54
C ILE D 10 13.91 -14.04 37.61
N ARG D 11 13.48 -15.12 36.97
CA ARG D 11 14.30 -15.79 35.96
C ARG D 11 14.11 -15.12 34.62
N GLU D 12 15.20 -15.00 33.86
CA GLU D 12 15.14 -14.34 32.56
C GLU D 12 14.40 -15.21 31.54
N ILE D 13 13.65 -14.55 30.67
CA ILE D 13 12.91 -15.22 29.60
C ILE D 13 13.79 -15.23 28.36
N LEU D 14 14.03 -16.43 27.81
CA LEU D 14 14.87 -16.58 26.64
C LEU D 14 14.16 -16.05 25.40
N LYS D 15 14.94 -15.44 24.50
CA LYS D 15 14.38 -14.89 23.27
C LYS D 15 14.62 -15.81 22.09
N MET D 16 13.69 -15.76 21.12
CA MET D 16 13.82 -16.56 19.92
C MET D 16 15.19 -16.37 19.27
N GLY D 17 15.78 -17.48 18.83
CA GLY D 17 17.15 -17.54 18.40
C GLY D 17 18.01 -18.36 19.34
N ASP D 18 17.63 -18.43 20.60
CA ASP D 18 18.34 -19.27 21.54
C ASP D 18 18.07 -20.74 21.21
N PRO D 19 19.10 -21.57 21.03
CA PRO D 19 18.86 -22.98 20.69
C PRO D 19 18.05 -23.72 21.73
N ARG D 20 18.05 -23.25 22.98
CA ARG D 20 17.29 -23.97 24.01
C ARG D 20 15.80 -23.92 23.74
N LEU D 21 15.31 -22.91 23.00
CA LEU D 21 13.89 -22.86 22.68
C LEU D 21 13.51 -23.79 21.53
N LEU D 22 14.48 -24.45 20.89
CA LEU D 22 14.23 -25.33 19.76
C LEU D 22 14.33 -26.80 20.12
N ARG D 23 14.58 -27.14 21.39
CA ARG D 23 14.73 -28.53 21.73
CA ARG D 23 14.75 -28.50 21.88
C ARG D 23 13.42 -29.16 22.18
N ILE D 24 13.42 -30.49 22.19
CA ILE D 24 12.26 -31.25 22.64
C ILE D 24 12.45 -31.54 24.14
N ALA D 25 11.52 -31.03 24.96
CA ALA D 25 11.69 -31.10 26.41
C ALA D 25 11.48 -32.51 26.95
N ASP D 26 12.19 -32.83 28.04
CA ASP D 26 12.09 -34.11 28.74
C ASP D 26 10.87 -34.13 29.65
N PRO D 27 10.27 -35.29 29.87
CA PRO D 27 9.16 -35.39 30.83
C PRO D 27 9.64 -35.24 32.26
N VAL D 28 8.73 -34.79 33.12
CA VAL D 28 8.96 -34.82 34.57
C VAL D 28 8.79 -36.26 35.05
N ASP D 29 9.78 -36.76 35.79
CA ASP D 29 9.76 -38.14 36.26
C ASP D 29 9.21 -38.29 37.68
N HIS D 30 9.33 -37.25 38.51
CA HIS D 30 8.92 -37.33 39.91
C HIS D 30 8.10 -36.10 40.27
N PHE D 31 6.93 -36.33 40.86
CA PHE D 31 6.03 -35.26 41.24
C PHE D 31 6.16 -34.95 42.73
N ASP D 32 5.65 -33.78 43.11
CA ASP D 32 5.56 -33.36 44.50
C ASP D 32 6.94 -33.35 45.18
N THR D 33 7.93 -32.81 44.47
CA THR D 33 9.28 -32.64 45.00
C THR D 33 9.54 -31.16 45.27
N PRO D 34 10.44 -30.86 46.20
CA PRO D 34 10.83 -29.45 46.39
C PRO D 34 11.32 -28.79 45.11
N GLU D 35 12.09 -29.51 44.28
CA GLU D 35 12.61 -28.91 43.04
C GLU D 35 11.47 -28.55 42.10
N LEU D 36 10.45 -29.41 42.02
CA LEU D 36 9.35 -29.12 41.10
C LEU D 36 8.49 -27.98 41.60
N HIS D 37 8.19 -27.95 42.91
CA HIS D 37 7.46 -26.82 43.46
C HIS D 37 8.23 -25.52 43.27
N GLU D 38 9.55 -25.56 43.40
CA GLU D 38 10.37 -24.38 43.17
C GLU D 38 10.34 -23.95 41.70
N LEU D 39 10.37 -24.91 40.77
CA LEU D 39 10.26 -24.57 39.35
C LEU D 39 8.94 -23.87 39.06
N VAL D 40 7.84 -24.43 39.57
CA VAL D 40 6.52 -23.84 39.34
C VAL D 40 6.44 -22.45 39.95
N LYS D 41 6.97 -22.28 41.16
CA LYS D 41 6.97 -20.95 41.77
C LYS D 41 7.81 -19.98 40.95
N ASP D 42 8.98 -20.42 40.48
CA ASP D 42 9.80 -19.56 39.61
C ASP D 42 9.04 -19.15 38.36
N MET D 43 8.29 -20.08 37.76
CA MET D 43 7.59 -19.77 36.53
C MET D 43 6.48 -18.76 36.77
N PHE D 44 5.73 -18.92 37.86
CA PHE D 44 4.71 -17.94 38.21
C PHE D 44 5.32 -16.56 38.45
N GLU D 45 6.42 -16.51 39.20
CA GLU D 45 7.06 -15.22 39.47
C GLU D 45 7.54 -14.57 38.18
N THR D 46 8.14 -15.36 37.29
CA THR D 46 8.60 -14.83 36.01
C THR D 46 7.43 -14.37 35.15
N MET D 47 6.35 -15.15 35.12
CA MET D 47 5.19 -14.82 34.29
C MET D 47 4.51 -13.54 34.78
N HIS D 48 4.18 -13.48 36.08
CA HIS D 48 3.46 -12.32 36.61
C HIS D 48 4.30 -11.05 36.47
N ASP D 49 5.61 -11.16 36.65
CA ASP D 49 6.48 -9.98 36.49
C ASP D 49 6.39 -9.42 35.08
N ALA D 50 6.26 -10.29 34.08
CA ALA D 50 6.10 -9.88 32.70
C ALA D 50 4.65 -9.62 32.34
N ASN D 51 3.75 -9.58 33.33
CA ASN D 51 2.32 -9.42 33.11
C ASN D 51 1.78 -10.44 32.12
N GLY D 52 2.38 -11.64 32.12
CA GLY D 52 1.98 -12.66 31.18
C GLY D 52 0.85 -13.54 31.68
N ALA D 53 0.24 -14.26 30.74
CA ALA D 53 -0.88 -15.15 31.03
C ALA D 53 -0.47 -16.62 31.09
N GLY D 54 0.60 -17.01 30.41
CA GLY D 54 1.08 -18.38 30.44
C GLY D 54 2.58 -18.38 30.28
N LEU D 55 3.18 -19.56 30.48
CA LEU D 55 4.62 -19.71 30.35
C LEU D 55 4.95 -21.18 30.26
N ALA D 56 6.03 -21.51 29.55
CA ALA D 56 6.54 -22.87 29.48
C ALA D 56 7.95 -22.93 30.05
N ALA D 57 8.25 -24.03 30.73
CA ALA D 57 9.58 -24.16 31.33
C ALA D 57 10.74 -23.91 30.36
N PRO D 58 10.71 -24.37 29.09
CA PRO D 58 11.83 -24.04 28.18
C PRO D 58 12.09 -22.55 28.04
N GLN D 59 11.08 -21.70 28.26
CA GLN D 59 11.28 -20.26 28.13
C GLN D 59 12.18 -19.70 29.22
N ILE D 60 12.36 -20.40 30.33
CA ILE D 60 13.37 -19.99 31.31
C ILE D 60 14.56 -20.95 31.30
N GLY D 61 14.73 -21.71 30.22
CA GLY D 61 15.89 -22.54 30.05
C GLY D 61 15.81 -23.90 30.70
N VAL D 62 14.63 -24.30 31.15
CA VAL D 62 14.45 -25.57 31.86
C VAL D 62 13.80 -26.56 30.89
N ASN D 63 14.52 -27.63 30.57
CA ASN D 63 14.15 -28.55 29.50
C ASN D 63 13.18 -29.63 29.99
N LEU D 64 12.04 -29.17 30.53
CA LEU D 64 11.06 -30.05 31.14
C LEU D 64 9.67 -29.74 30.62
N GLN D 65 8.81 -30.76 30.58
CA GLN D 65 7.45 -30.65 30.03
C GLN D 65 6.52 -30.08 31.11
N VAL D 66 6.68 -28.79 31.37
CA VAL D 66 5.88 -28.07 32.36
C VAL D 66 5.39 -26.77 31.72
N VAL D 67 4.08 -26.55 31.74
CA VAL D 67 3.53 -25.27 31.29
C VAL D 67 2.53 -24.79 32.33
N ILE D 68 2.34 -23.47 32.38
CA ILE D 68 1.30 -22.87 33.18
C ILE D 68 0.49 -21.95 32.27
N PHE D 69 -0.80 -21.81 32.57
CA PHE D 69 -1.64 -20.92 31.79
C PHE D 69 -2.90 -20.60 32.60
N GLY D 70 -3.63 -19.59 32.12
CA GLY D 70 -4.90 -19.23 32.73
C GLY D 70 -4.84 -18.14 33.76
N PHE D 71 -3.76 -17.36 33.81
CA PHE D 71 -3.63 -16.33 34.83
C PHE D 71 -3.64 -14.91 34.25
N VAL D 83 -10.42 -19.18 30.96
CA VAL D 83 -9.39 -20.22 30.96
C VAL D 83 -8.99 -20.56 32.39
N PRO D 84 -9.16 -21.82 32.79
CA PRO D 84 -8.82 -22.19 34.17
C PRO D 84 -7.34 -22.04 34.46
N GLU D 85 -7.03 -21.53 35.64
CA GLU D 85 -5.64 -21.46 36.09
C GLU D 85 -5.09 -22.88 36.25
N THR D 86 -4.02 -23.20 35.52
CA THR D 86 -3.56 -24.58 35.37
C THR D 86 -2.05 -24.69 35.36
N VAL D 87 -1.54 -25.69 36.08
CA VAL D 87 -0.19 -26.21 35.90
C VAL D 87 -0.33 -27.56 35.23
N LEU D 88 0.23 -27.70 34.02
CA LEU D 88 0.04 -28.90 33.19
C LEU D 88 1.41 -29.50 32.88
N ILE D 89 1.59 -30.75 33.26
CA ILE D 89 2.87 -31.44 33.17
C ILE D 89 2.72 -32.70 32.32
N ASN D 90 3.73 -32.98 31.49
CA ASN D 90 3.76 -34.13 30.61
C ASN D 90 2.50 -34.23 29.75
N PRO D 91 2.17 -33.19 29.00
CA PRO D 91 0.87 -33.13 28.33
C PRO D 91 0.82 -33.90 27.01
N THR D 92 -0.40 -34.33 26.68
CA THR D 92 -0.74 -34.88 25.37
C THR D 92 -1.93 -34.10 24.84
N ILE D 93 -1.84 -33.61 23.59
CA ILE D 93 -2.96 -32.92 22.94
C ILE D 93 -3.47 -33.77 21.79
N THR D 94 -4.79 -33.90 21.70
CA THR D 94 -5.44 -34.64 20.62
C THR D 94 -6.57 -33.78 20.05
N PRO D 95 -6.47 -33.31 18.81
CA PRO D 95 -7.58 -32.54 18.24
C PRO D 95 -8.85 -33.39 18.17
N VAL D 96 -9.99 -32.75 18.47
CA VAL D 96 -11.28 -33.43 18.36
C VAL D 96 -11.66 -33.58 16.89
N SER D 97 -11.36 -32.56 16.09
CA SER D 97 -11.53 -32.58 14.65
C SER D 97 -10.40 -31.77 14.04
N GLN D 98 -10.35 -31.72 12.71
CA GLN D 98 -9.35 -30.92 12.02
C GLN D 98 -9.79 -29.48 11.79
N ASP D 99 -10.94 -29.06 12.32
CA ASP D 99 -11.40 -27.69 12.19
C ASP D 99 -10.38 -26.74 12.83
N MET D 100 -10.11 -25.62 12.15
CA MET D 100 -9.15 -24.69 12.70
CA MET D 100 -9.09 -24.66 12.54
C MET D 100 -9.69 -23.26 12.61
N GLU D 101 -9.02 -22.39 13.35
CA GLU D 101 -9.42 -21.00 13.51
C GLU D 101 -8.18 -20.12 13.61
N GLU D 102 -8.21 -18.97 12.94
CA GLU D 102 -7.11 -18.03 12.98
C GLU D 102 -7.31 -17.01 14.10
N GLY D 103 -6.22 -16.67 14.78
CA GLY D 103 -6.24 -15.65 15.81
C GLY D 103 -4.88 -15.03 16.02
N TRP D 104 -4.87 -13.87 16.65
CA TRP D 104 -3.62 -13.16 16.90
C TRP D 104 -2.92 -13.70 18.16
N GLU D 105 -1.61 -13.92 18.05
CA GLU D 105 -0.80 -14.41 19.16
C GLU D 105 0.45 -13.58 19.35
N GLY D 106 0.90 -13.49 20.61
CA GLY D 106 2.23 -13.01 20.94
C GLY D 106 2.93 -14.01 21.85
N CYS D 107 4.17 -13.67 22.20
CA CYS D 107 4.97 -14.58 23.02
C CYS D 107 6.03 -13.77 23.73
N LEU D 108 6.25 -14.05 25.02
CA LEU D 108 7.29 -13.33 25.74
C LEU D 108 8.68 -13.67 25.20
N SER D 109 8.83 -14.79 24.48
CA SER D 109 10.10 -15.10 23.83
C SER D 109 10.21 -14.47 22.45
N VAL D 110 9.16 -13.79 22.00
CA VAL D 110 9.17 -13.04 20.74
C VAL D 110 8.72 -11.61 21.06
N PRO D 111 9.45 -10.87 21.89
CA PRO D 111 8.93 -9.59 22.39
C PRO D 111 8.73 -8.56 21.28
N GLY D 112 7.59 -7.88 21.35
CA GLY D 112 7.32 -6.74 20.50
C GLY D 112 6.54 -7.05 19.23
N LEU D 113 6.18 -8.31 19.00
CA LEU D 113 5.57 -8.74 17.75
CA LEU D 113 5.58 -8.75 17.75
C LEU D 113 4.23 -9.42 18.02
N ARG D 114 3.41 -9.48 16.96
CA ARG D 114 2.19 -10.27 16.96
C ARG D 114 2.06 -10.95 15.60
N GLY D 115 1.41 -12.10 15.58
CA GLY D 115 1.17 -12.81 14.32
C GLY D 115 -0.15 -13.54 14.32
N ALA D 116 -0.75 -13.66 13.13
CA ALA D 116 -1.99 -14.43 12.98
C ALA D 116 -1.67 -15.93 12.83
N VAL D 117 -2.25 -16.76 13.71
CA VAL D 117 -1.89 -18.17 13.80
C VAL D 117 -3.16 -19.02 13.72
N SER D 118 -3.13 -20.06 12.87
CA SER D 118 -4.21 -21.04 12.81
CA SER D 118 -4.20 -21.04 12.80
C SER D 118 -3.99 -22.12 13.86
N ARG D 119 -5.02 -22.38 14.65
CA ARG D 119 -4.99 -23.38 15.70
C ARG D 119 -6.22 -24.27 15.58
N PHE D 120 -6.12 -25.50 16.11
CA PHE D 120 -7.28 -26.37 16.18
C PHE D 120 -8.36 -25.73 17.06
N SER D 121 -9.60 -25.75 16.57
CA SER D 121 -10.71 -25.15 17.30
C SER D 121 -11.06 -25.91 18.57
N MET D 122 -10.81 -27.21 18.63
CA MET D 122 -11.27 -28.01 19.75
C MET D 122 -10.31 -29.15 19.98
N ILE D 123 -9.88 -29.33 21.23
CA ILE D 123 -8.87 -30.33 21.56
C ILE D 123 -9.28 -31.09 22.81
N LYS D 124 -8.80 -32.33 22.90
CA LYS D 124 -8.68 -33.01 24.17
C LYS D 124 -7.25 -32.81 24.65
N TYR D 125 -7.07 -32.59 25.95
CA TYR D 125 -5.72 -32.63 26.46
C TYR D 125 -5.66 -33.33 27.80
N HIS D 126 -4.52 -33.98 28.04
CA HIS D 126 -4.29 -34.78 29.21
C HIS D 126 -2.90 -34.48 29.74
N GLY D 127 -2.76 -34.54 31.05
CA GLY D 127 -1.47 -34.34 31.66
C GLY D 127 -1.59 -34.53 33.16
N PHE D 128 -0.73 -33.87 33.93
CA PHE D 128 -0.73 -34.03 35.38
C PHE D 128 -0.44 -32.68 36.02
N ASP D 129 -0.90 -32.51 37.27
CA ASP D 129 -0.49 -31.32 38.02
C ASP D 129 0.84 -31.61 38.72
N GLN D 130 1.33 -30.63 39.48
CA GLN D 130 2.63 -30.81 40.13
C GLN D 130 2.60 -31.81 41.27
N TYR D 131 1.43 -32.33 41.62
CA TYR D 131 1.30 -33.40 42.61
C TYR D 131 1.13 -34.76 41.97
N GLY D 132 1.13 -34.83 40.64
CA GLY D 132 0.93 -36.06 39.91
C GLY D 132 -0.52 -36.43 39.67
N LYS D 133 -1.46 -35.56 40.00
CA LYS D 133 -2.85 -35.88 39.81
C LYS D 133 -3.22 -35.68 38.35
N PRO D 134 -3.86 -36.66 37.72
CA PRO D 134 -4.19 -36.53 36.29
C PRO D 134 -5.15 -35.38 36.00
N ILE D 135 -4.93 -34.76 34.85
CA ILE D 135 -5.79 -33.72 34.29
C ILE D 135 -6.29 -34.24 32.94
N ASP D 136 -7.61 -34.23 32.76
CA ASP D 136 -8.20 -34.70 31.51
C ASP D 136 -9.29 -33.71 31.13
N ARG D 137 -9.09 -32.96 30.05
CA ARG D 137 -10.01 -31.90 29.71
C ARG D 137 -10.30 -31.89 28.21
N VAL D 138 -11.37 -31.20 27.88
CA VAL D 138 -11.70 -30.84 26.51
C VAL D 138 -11.81 -29.33 26.47
N ALA D 139 -11.19 -28.72 25.46
CA ALA D 139 -11.15 -27.26 25.39
C ALA D 139 -11.43 -26.82 23.96
N GLU D 140 -12.02 -25.63 23.83
CA GLU D 140 -12.26 -25.04 22.53
C GLU D 140 -11.86 -23.57 22.55
N GLY D 141 -11.74 -23.00 21.36
CA GLY D 141 -11.54 -21.56 21.27
C GLY D 141 -10.24 -21.13 21.89
N PHE D 142 -10.30 -20.02 22.64
CA PHE D 142 -9.09 -19.42 23.20
C PHE D 142 -8.42 -20.34 24.21
N HIS D 143 -9.21 -21.05 25.01
CA HIS D 143 -8.69 -22.07 25.91
C HIS D 143 -7.85 -23.07 25.12
N ALA D 144 -8.41 -23.60 24.03
CA ALA D 144 -7.65 -24.55 23.22
C ALA D 144 -6.42 -23.90 22.62
N ARG D 145 -6.52 -22.62 22.21
CA ARG D 145 -5.39 -21.92 21.61
C ARG D 145 -4.24 -21.76 22.60
N VAL D 146 -4.55 -21.34 23.83
CA VAL D 146 -3.50 -21.14 24.81
CA VAL D 146 -3.54 -21.14 24.85
C VAL D 146 -2.78 -22.44 25.12
N VAL D 147 -3.53 -23.55 25.23
CA VAL D 147 -2.88 -24.83 25.52
C VAL D 147 -1.97 -25.25 24.37
N GLN D 148 -2.44 -25.09 23.13
CA GLN D 148 -1.59 -25.44 21.99
C GLN D 148 -0.34 -24.58 21.94
N HIS D 149 -0.48 -23.28 22.21
CA HIS D 149 0.67 -22.40 22.18
C HIS D 149 1.71 -22.81 23.22
N GLU D 150 1.27 -23.04 24.46
CA GLU D 150 2.24 -23.37 25.51
C GLU D 150 2.85 -24.74 25.27
N CYS D 151 2.05 -25.71 24.86
CA CYS D 151 2.60 -27.05 24.67
C CYS D 151 3.53 -27.09 23.46
N ASP D 152 3.32 -26.20 22.48
CA ASP D 152 4.27 -26.10 21.37
C ASP D 152 5.68 -25.82 21.85
N HIS D 153 5.82 -25.01 22.92
CA HIS D 153 7.16 -24.73 23.44
C HIS D 153 7.90 -25.99 23.85
N LEU D 154 7.17 -27.03 24.28
CA LEU D 154 7.79 -28.25 24.75
C LEU D 154 8.32 -29.12 23.62
N ILE D 155 7.91 -28.86 22.38
CA ILE D 155 8.49 -29.55 21.23
C ILE D 155 9.31 -28.60 20.38
N GLY D 156 9.80 -27.52 20.97
CA GLY D 156 10.73 -26.65 20.26
C GLY D 156 10.09 -25.72 19.24
N LYS D 157 8.81 -25.38 19.43
CA LYS D 157 8.08 -24.57 18.46
C LYS D 157 7.65 -23.25 19.10
N LEU D 158 7.89 -22.15 18.39
CA LEU D 158 7.34 -20.84 18.71
C LEU D 158 6.32 -20.50 17.62
N TYR D 159 5.48 -19.49 17.88
CA TYR D 159 4.34 -19.35 16.97
C TYR D 159 4.71 -18.97 15.54
N PRO D 160 5.85 -18.32 15.25
CA PRO D 160 6.21 -18.14 13.83
C PRO D 160 6.33 -19.46 13.06
N MET D 161 6.65 -20.59 13.71
CA MET D 161 6.65 -21.85 12.98
C MET D 161 5.25 -22.27 12.54
N ARG D 162 4.22 -21.66 13.13
CA ARG D 162 2.85 -21.99 12.83
C ARG D 162 2.15 -20.98 11.94
N ILE D 163 2.80 -19.84 11.59
CA ILE D 163 2.14 -18.82 10.78
C ILE D 163 2.10 -19.24 9.32
N ASN D 164 0.95 -19.03 8.66
CA ASN D 164 0.82 -19.34 7.25
C ASN D 164 1.01 -18.13 6.33
N ASP D 165 0.72 -16.92 6.78
CA ASP D 165 0.81 -15.73 5.94
C ASP D 165 1.55 -14.66 6.72
N PHE D 166 2.81 -14.42 6.36
CA PHE D 166 3.60 -13.46 7.11
C PHE D 166 3.30 -12.01 6.76
N ALA D 167 2.38 -11.75 5.83
CA ALA D 167 1.80 -10.41 5.80
C ALA D 167 1.08 -10.08 7.09
N LYS D 168 0.64 -11.10 7.84
CA LYS D 168 -0.07 -10.91 9.10
C LYS D 168 0.87 -11.15 10.29
N PHE D 169 2.02 -10.48 10.23
CA PHE D 169 3.06 -10.60 11.24
C PHE D 169 3.73 -9.23 11.30
N GLY D 170 3.94 -8.71 12.50
CA GLY D 170 4.54 -7.39 12.57
C GLY D 170 4.64 -6.91 14.00
N PHE D 171 5.08 -5.66 14.15
CA PHE D 171 5.28 -5.11 15.48
C PHE D 171 3.95 -4.70 16.08
N THR D 172 3.77 -5.02 17.37
CA THR D 172 2.48 -4.88 18.02
C THR D 172 1.95 -3.45 17.93
N GLU D 173 2.81 -2.47 18.16
CA GLU D 173 2.39 -1.08 18.14
C GLU D 173 1.96 -0.62 16.76
N VAL D 174 2.49 -1.26 15.71
CA VAL D 174 2.11 -0.90 14.35
C VAL D 174 0.81 -1.57 13.96
N LEU D 175 0.68 -2.86 14.30
CA LEU D 175 -0.54 -3.60 14.00
C LEU D 175 -1.71 -3.14 14.84
N PHE D 176 -1.47 -2.83 16.12
CA PHE D 176 -2.52 -2.48 17.07
C PHE D 176 -2.14 -1.18 17.76
N PRO D 177 -2.27 -0.04 17.07
CA PRO D 177 -1.98 1.28 17.63
C PRO D 177 -3.01 1.70 18.69
#